data_3IUE
#
_entry.id   3IUE
#
_cell.length_a   48.550
_cell.length_b   70.710
_cell.length_c   81.840
_cell.angle_alpha   90.00
_cell.angle_beta   99.37
_cell.angle_gamma   90.00
#
_symmetry.space_group_name_H-M   'P 1 21 1'
#
loop_
_entity.id
_entity.type
_entity.pdbx_description
1 polymer 'Pantothenate synthetase'
2 non-polymer '(5-methoxy-2-{[(5-methylpyridin-2-yl)sulfonyl]carbamoyl}-1H-indol-1-yl)acetic acid'
3 non-polymer GLYCEROL
4 non-polymer 1,2-ETHANEDIOL
5 non-polymer ETHANOL
6 water water
#
_entity_poly.entity_id   1
_entity_poly.type   'polypeptide(L)'
_entity_poly.pdbx_seq_one_letter_code
;MAIPAFHPGELNVYSAPGDVADVSRALRLTGRRVMLVPTMGALHEGHLALVRAAKRVPGSVVVVSIFVNPMQFGAGGDLD
AYPRTPDDDLAQLRAEGVEIAFTPTTAAMYPDGLRTTVQPGPLAAELEGGPRPTHFAGVLTVVLKLLQIVRPDRVFFGEK
DYQQLVLIRQLVADFNLDVAVVGVPTVREADGLAMSSRNRYLDPAQRAAAVALSAALTAAAHAATAGAQAALDAARAVLD
AAPGVAVDYLELRDIGLGPMPLNGSGRLLVAARLGTTRLLDNIAIEIGTFAGTDRPDGYRA
;
_entity_poly.pdbx_strand_id   A,B
#
loop_
_chem_comp.id
_chem_comp.type
_chem_comp.name
_chem_comp.formula
EDO non-polymer 1,2-ETHANEDIOL 'C2 H6 O2'
EOH non-polymer ETHANOL 'C2 H6 O'
FG3 non-polymer '(5-methoxy-2-{[(5-methylpyridin-2-yl)sulfonyl]carbamoyl}-1H-indol-1-yl)acetic acid' 'C18 H17 N3 O6 S'
GOL non-polymer GLYCEROL 'C3 H8 O3'
#
# COMPACT_ATOMS: atom_id res chain seq x y z
N ILE A 3 16.32 21.00 -1.45
CA ILE A 3 15.18 20.73 -2.39
C ILE A 3 15.40 21.41 -3.77
N PRO A 4 14.76 20.91 -4.85
CA PRO A 4 14.98 21.52 -6.17
C PRO A 4 14.26 22.87 -6.32
N ALA A 5 14.51 23.57 -7.43
CA ALA A 5 13.84 24.84 -7.72
C ALA A 5 12.34 24.67 -7.97
N PHE A 6 11.54 25.60 -7.45
CA PHE A 6 10.11 25.71 -7.79
C PHE A 6 9.76 27.16 -8.11
N HIS A 7 9.35 27.40 -9.35
CA HIS A 7 8.92 28.73 -9.78
C HIS A 7 7.39 28.83 -9.85
N PRO A 8 6.77 29.59 -8.92
CA PRO A 8 5.31 29.74 -8.91
C PRO A 8 4.79 30.42 -10.16
N GLY A 9 3.54 30.12 -10.50
CA GLY A 9 2.92 30.69 -11.69
C GLY A 9 3.44 30.13 -13.00
N GLU A 10 4.42 29.23 -12.91
CA GLU A 10 4.96 28.54 -14.08
C GLU A 10 4.83 27.03 -13.96
N LEU A 11 5.00 26.33 -15.08
CA LEU A 11 4.97 24.87 -15.07
C LEU A 11 6.37 24.34 -14.76
N ASN A 12 6.47 23.70 -13.60
CA ASN A 12 7.69 23.04 -13.12
C ASN A 12 7.56 21.55 -13.38
N VAL A 13 8.48 21.00 -14.16
CA VAL A 13 8.43 19.57 -14.56
C VAL A 13 9.52 18.81 -13.80
N TYR A 14 9.11 17.80 -13.02
CA TYR A 14 10.06 16.92 -12.30
C TYR A 14 9.92 15.48 -12.74
N SER A 15 11.05 14.81 -12.93
CA SER A 15 11.03 13.39 -13.24
CA SER A 15 11.07 13.39 -13.26
C SER A 15 11.41 12.53 -12.04
N ALA A 16 12.24 13.05 -11.14
CA ALA A 16 12.69 12.26 -9.99
C ALA A 16 11.64 12.26 -8.91
N PRO A 17 11.22 11.06 -8.45
CA PRO A 17 10.26 11.02 -7.33
C PRO A 17 10.70 11.86 -6.13
N GLY A 18 11.99 11.81 -5.78
CA GLY A 18 12.51 12.64 -4.66
C GLY A 18 12.32 14.14 -4.86
N ASP A 19 12.49 14.63 -6.09
CA ASP A 19 12.26 16.06 -6.40
C ASP A 19 10.81 16.49 -6.13
N VAL A 20 9.85 15.73 -6.65
CA VAL A 20 8.46 16.15 -6.44
C VAL A 20 8.08 15.99 -4.96
N ALA A 21 8.64 14.96 -4.30
CA ALA A 21 8.32 14.70 -2.89
C ALA A 21 8.78 15.89 -2.02
N ASP A 22 10.00 16.35 -2.28
CA ASP A 22 10.60 17.46 -1.55
C ASP A 22 9.80 18.74 -1.79
N VAL A 23 9.49 19.05 -3.04
CA VAL A 23 8.73 20.24 -3.38
C VAL A 23 7.33 20.20 -2.76
N SER A 24 6.67 19.04 -2.87
CA SER A 24 5.32 18.87 -2.30
C SER A 24 5.35 19.13 -0.80
N ARG A 25 6.31 18.52 -0.10
CA ARG A 25 6.36 18.62 1.35
C ARG A 25 6.66 20.05 1.78
N ALA A 26 7.57 20.70 1.05
CA ALA A 26 7.90 22.11 1.31
C ALA A 26 6.68 23.00 1.11
N LEU A 27 5.92 22.76 0.04
CA LEU A 27 4.70 23.52 -0.24
C LEU A 27 3.64 23.34 0.83
N ARG A 28 3.43 22.09 1.26
CA ARG A 28 2.43 21.81 2.29
C ARG A 28 2.79 22.51 3.61
N LEU A 29 4.08 22.56 3.92
CA LEU A 29 4.60 23.20 5.14
C LEU A 29 4.48 24.71 5.11
N THR A 30 4.28 25.30 3.93
CA THR A 30 4.02 26.73 3.84
C THR A 30 2.52 27.03 3.74
N GLY A 31 1.67 26.02 3.94
CA GLY A 31 0.21 26.23 3.95
C GLY A 31 -0.57 26.00 2.65
N ARG A 32 0.13 25.69 1.56
CA ARG A 32 -0.54 25.36 0.30
C ARG A 32 -1.06 23.95 0.44
N ARG A 33 -2.25 23.71 -0.06
CA ARG A 33 -2.79 22.36 -0.06
C ARG A 33 -2.48 21.72 -1.41
N VAL A 34 -2.02 20.48 -1.39
CA VAL A 34 -1.50 19.82 -2.60
C VAL A 34 -2.58 18.94 -3.22
N MET A 35 -2.86 19.18 -4.51
CA MET A 35 -3.89 18.42 -5.24
C MET A 35 -3.17 17.55 -6.25
N LEU A 36 -3.52 16.26 -6.27
CA LEU A 36 -2.95 15.35 -7.27
C LEU A 36 -4.00 14.93 -8.33
N VAL A 37 -3.64 15.07 -9.61
CA VAL A 37 -4.39 14.51 -10.71
C VAL A 37 -3.50 13.46 -11.42
N PRO A 38 -3.69 12.19 -11.09
CA PRO A 38 -2.81 11.21 -11.73
C PRO A 38 -3.38 10.70 -13.03
N THR A 39 -2.59 10.77 -14.08
CA THR A 39 -3.02 10.41 -15.44
C THR A 39 -1.98 9.51 -16.13
N MET A 40 -2.39 8.90 -17.24
CA MET A 40 -1.43 8.17 -18.08
C MET A 40 -1.16 8.97 -19.38
N GLY A 41 -1.41 10.28 -19.30
CA GLY A 41 -1.09 11.19 -20.40
C GLY A 41 -2.13 11.14 -21.52
N ALA A 42 -1.75 11.63 -22.70
CA ALA A 42 -2.71 11.75 -23.81
C ALA A 42 -3.92 12.52 -23.33
N LEU A 43 -3.65 13.71 -22.80
CA LEU A 43 -4.64 14.51 -22.07
C LEU A 43 -5.69 15.09 -22.99
N HIS A 44 -6.92 15.10 -22.50
CA HIS A 44 -8.04 15.70 -23.19
C HIS A 44 -8.85 16.58 -22.22
N GLU A 45 -9.92 17.20 -22.70
CA GLU A 45 -10.65 18.16 -21.89
C GLU A 45 -11.18 17.54 -20.59
N GLY A 46 -11.38 16.22 -20.59
CA GLY A 46 -11.81 15.51 -19.39
C GLY A 46 -10.77 15.56 -18.29
N HIS A 47 -9.51 15.31 -18.66
CA HIS A 47 -8.40 15.52 -17.74
C HIS A 47 -8.36 16.99 -17.30
N LEU A 48 -8.59 17.91 -18.24
CA LEU A 48 -8.56 19.34 -17.90
C LEU A 48 -9.65 19.73 -16.88
N ALA A 49 -10.80 19.06 -16.95
CA ALA A 49 -11.87 19.20 -15.95
C ALA A 49 -11.37 18.80 -14.56
N LEU A 50 -10.56 17.73 -14.48
CA LEU A 50 -9.98 17.31 -13.20
C LEU A 50 -9.05 18.41 -12.65
N VAL A 51 -8.20 18.92 -13.53
CA VAL A 51 -7.29 19.99 -13.17
C VAL A 51 -8.06 21.22 -12.66
N ARG A 52 -9.10 21.63 -13.40
CA ARG A 52 -9.89 22.79 -12.99
C ARG A 52 -10.57 22.61 -11.64
N ALA A 53 -11.02 21.39 -11.37
CA ALA A 53 -11.63 21.04 -10.07
C ALA A 53 -10.59 21.20 -8.96
N ALA A 54 -9.39 20.71 -9.23
CA ALA A 54 -8.27 20.82 -8.31
C ALA A 54 -7.91 22.29 -8.07
N LYS A 55 -7.86 23.06 -9.15
CA LYS A 55 -7.52 24.51 -9.10
C LYS A 55 -8.50 25.30 -8.22
N ARG A 56 -9.76 24.85 -8.16
CA ARG A 56 -10.83 25.50 -7.37
C ARG A 56 -10.66 25.40 -5.87
N VAL A 57 -9.87 24.45 -5.40
CA VAL A 57 -9.65 24.32 -3.95
C VAL A 57 -8.78 25.47 -3.46
N PRO A 58 -9.31 26.25 -2.48
CA PRO A 58 -8.59 27.43 -2.00
C PRO A 58 -7.14 27.15 -1.56
N GLY A 59 -6.21 27.90 -2.13
CA GLY A 59 -4.79 27.81 -1.80
C GLY A 59 -4.09 26.58 -2.39
N SER A 60 -4.74 25.93 -3.33
CA SER A 60 -4.20 24.73 -3.95
C SER A 60 -2.93 24.96 -4.76
N VAL A 61 -2.06 23.96 -4.71
CA VAL A 61 -1.03 23.79 -5.75
C VAL A 61 -1.39 22.48 -6.46
N VAL A 62 -1.38 22.48 -7.79
CA VAL A 62 -1.85 21.30 -8.50
C VAL A 62 -0.66 20.54 -9.05
N VAL A 63 -0.59 19.26 -8.70
CA VAL A 63 0.39 18.34 -9.29
C VAL A 63 -0.32 17.39 -10.28
N VAL A 64 0.08 17.40 -11.55
CA VAL A 64 -0.45 16.45 -12.49
C VAL A 64 0.65 15.44 -12.74
N SER A 65 0.35 14.15 -12.51
CA SER A 65 1.32 13.10 -12.87
C SER A 65 0.96 12.49 -14.22
N ILE A 66 1.99 12.22 -15.02
CA ILE A 66 1.82 11.55 -16.29
C ILE A 66 2.77 10.36 -16.28
N PHE A 67 2.22 9.16 -16.32
CA PHE A 67 3.06 7.97 -16.30
C PHE A 67 2.27 6.81 -16.87
N VAL A 68 2.76 6.25 -17.98
CA VAL A 68 2.09 5.09 -18.58
C VAL A 68 2.59 3.89 -17.81
N ASN A 69 1.74 3.36 -16.93
CA ASN A 69 2.19 2.34 -15.95
C ASN A 69 2.28 0.94 -16.57
N PRO A 70 3.51 0.40 -16.74
CA PRO A 70 3.60 -0.93 -17.38
C PRO A 70 2.89 -2.06 -16.60
N MET A 71 2.72 -1.90 -15.29
CA MET A 71 2.29 -3.04 -14.46
C MET A 71 0.78 -3.32 -14.54
N GLN A 72 0.02 -2.41 -15.15
CA GLN A 72 -1.41 -2.62 -15.38
C GLN A 72 -1.73 -3.14 -16.82
N PHE A 73 -0.68 -3.41 -17.59
CA PHE A 73 -0.84 -4.06 -18.90
C PHE A 73 -0.30 -5.50 -18.87
N GLY A 74 -0.78 -6.34 -19.78
CA GLY A 74 -0.23 -7.69 -19.97
C GLY A 74 0.29 -7.84 -21.39
N ALA A 75 0.94 -8.98 -21.68
CA ALA A 75 1.42 -9.26 -23.04
C ALA A 75 0.29 -9.05 -24.05
N GLY A 76 0.65 -8.70 -25.28
CA GLY A 76 -0.35 -8.58 -26.34
C GLY A 76 -0.37 -7.26 -27.09
N GLY A 77 0.55 -6.36 -26.73
CA GLY A 77 0.79 -5.11 -27.50
C GLY A 77 0.20 -3.85 -26.92
N ASP A 78 -0.65 -4.02 -25.90
CA ASP A 78 -1.41 -2.91 -25.33
C ASP A 78 -0.51 -1.79 -24.80
N LEU A 79 0.60 -2.15 -24.18
CA LEU A 79 1.50 -1.17 -23.58
C LEU A 79 2.15 -0.31 -24.67
N ASP A 80 2.66 -0.96 -25.72
CA ASP A 80 3.30 -0.22 -26.82
C ASP A 80 2.32 0.64 -27.60
N ALA A 81 1.07 0.18 -27.68
CA ALA A 81 0.00 0.84 -28.42
C ALA A 81 -0.60 2.04 -27.69
N TYR A 82 -0.39 2.13 -26.37
CA TYR A 82 -0.98 3.23 -25.62
C TYR A 82 -0.64 4.61 -26.19
N PRO A 83 -1.65 5.50 -26.35
CA PRO A 83 -1.31 6.80 -26.96
C PRO A 83 -0.34 7.62 -26.12
N ARG A 84 0.65 8.19 -26.78
CA ARG A 84 1.63 9.02 -26.10
C ARG A 84 1.74 10.32 -26.88
N THR A 85 1.37 11.44 -26.24
CA THR A 85 1.38 12.78 -26.86
C THR A 85 1.99 13.79 -25.88
N PRO A 86 3.27 13.60 -25.54
CA PRO A 86 3.97 14.32 -24.47
C PRO A 86 3.92 15.84 -24.66
N ASP A 87 4.14 16.28 -25.91
CA ASP A 87 4.18 17.69 -26.25
C ASP A 87 2.82 18.37 -26.07
N ASP A 88 1.75 17.75 -26.58
CA ASP A 88 0.41 18.28 -26.38
C ASP A 88 0.09 18.27 -24.86
N ASP A 89 0.45 17.19 -24.16
CA ASP A 89 0.13 17.09 -22.72
C ASP A 89 0.65 18.30 -21.95
N LEU A 90 1.95 18.54 -22.05
CA LEU A 90 2.58 19.63 -21.32
C LEU A 90 2.09 21.02 -21.75
N ALA A 91 1.83 21.18 -23.05
CA ALA A 91 1.23 22.43 -23.61
C ALA A 91 -0.12 22.74 -22.92
N GLN A 92 -0.96 21.72 -22.83
CA GLN A 92 -2.24 21.84 -22.12
C GLN A 92 -2.11 22.23 -20.64
N LEU A 93 -1.10 21.67 -19.96
CA LEU A 93 -0.91 21.97 -18.54
C LEU A 93 -0.50 23.42 -18.34
N ARG A 94 0.42 23.89 -19.20
CA ARG A 94 0.81 25.31 -19.18
C ARG A 94 -0.41 26.23 -19.40
N ALA A 95 -1.23 25.92 -20.41
CA ALA A 95 -2.44 26.69 -20.70
C ALA A 95 -3.37 26.76 -19.47
N GLU A 96 -3.46 25.68 -18.71
CA GLU A 96 -4.36 25.61 -17.56
C GLU A 96 -3.76 26.20 -16.26
N GLY A 97 -2.52 26.67 -16.31
CA GLY A 97 -1.89 27.26 -15.13
C GLY A 97 -1.42 26.25 -14.11
N VAL A 98 -1.27 24.98 -14.52
CA VAL A 98 -0.70 23.95 -13.63
C VAL A 98 0.74 24.29 -13.28
N GLU A 99 1.07 24.22 -12.00
CA GLU A 99 2.40 24.53 -11.57
C GLU A 99 3.37 23.36 -11.46
N ILE A 100 2.84 22.14 -11.35
CA ILE A 100 3.74 20.95 -11.28
C ILE A 100 3.27 19.79 -12.18
N ALA A 101 4.18 19.33 -13.04
CA ALA A 101 3.99 18.07 -13.74
C ALA A 101 5.02 17.08 -13.20
N PHE A 102 4.56 15.86 -12.96
CA PHE A 102 5.46 14.83 -12.41
C PHE A 102 5.50 13.74 -13.46
N THR A 103 6.66 13.57 -14.07
CA THR A 103 6.79 12.70 -15.25
C THR A 103 7.90 11.66 -15.00
N PRO A 104 7.66 10.69 -14.09
CA PRO A 104 8.71 9.74 -13.70
C PRO A 104 9.07 8.76 -14.81
N THR A 105 10.28 8.22 -14.72
CA THR A 105 10.71 7.13 -15.60
C THR A 105 10.25 5.78 -15.00
N THR A 106 10.15 4.77 -15.85
CA THR A 106 9.81 3.42 -15.40
C THR A 106 10.84 2.93 -14.37
N ALA A 107 12.11 3.20 -14.65
CA ALA A 107 13.19 2.82 -13.72
C ALA A 107 13.08 3.51 -12.34
N ALA A 108 12.63 4.76 -12.32
CA ALA A 108 12.49 5.49 -11.06
C ALA A 108 11.31 4.92 -10.26
N MET A 109 10.26 4.48 -10.95
CA MET A 109 9.08 3.94 -10.27
C MET A 109 9.26 2.48 -9.87
N TYR A 110 9.95 1.71 -10.74
CA TYR A 110 10.12 0.29 -10.52
C TYR A 110 11.59 -0.18 -10.55
N PRO A 111 12.44 0.41 -9.68
CA PRO A 111 13.88 0.09 -9.75
C PRO A 111 14.14 -1.39 -9.42
N ASP A 112 13.23 -2.02 -8.69
CA ASP A 112 13.37 -3.44 -8.32
C ASP A 112 12.43 -4.37 -9.06
N GLY A 113 11.85 -3.86 -10.14
CA GLY A 113 10.77 -4.55 -10.86
C GLY A 113 9.55 -4.75 -9.98
N LEU A 114 8.75 -5.76 -10.30
CA LEU A 114 7.58 -6.07 -9.45
C LEU A 114 7.97 -6.87 -8.24
N ARG A 115 7.72 -6.30 -7.07
CA ARG A 115 8.08 -6.98 -5.83
C ARG A 115 6.86 -6.85 -4.93
N THR A 116 6.83 -5.91 -3.98
CA THR A 116 5.65 -5.78 -3.13
C THR A 116 4.55 -5.12 -3.97
N THR A 117 3.33 -5.64 -3.91
CA THR A 117 2.25 -5.03 -4.71
C THR A 117 0.98 -4.94 -3.88
N VAL A 118 0.01 -4.22 -4.42
CA VAL A 118 -1.29 -4.15 -3.78
C VAL A 118 -2.18 -5.23 -4.38
N GLN A 119 -2.78 -6.01 -3.49
CA GLN A 119 -3.74 -7.02 -3.84
C GLN A 119 -5.17 -6.44 -3.58
N PRO A 120 -5.92 -6.09 -4.66
CA PRO A 120 -7.25 -5.51 -4.43
C PRO A 120 -8.20 -6.58 -3.90
N GLY A 121 -9.33 -6.13 -3.38
CA GLY A 121 -10.42 -7.03 -3.02
C GLY A 121 -11.11 -7.68 -4.22
N PRO A 122 -12.17 -8.48 -3.94
CA PRO A 122 -12.82 -9.30 -4.95
C PRO A 122 -13.40 -8.50 -6.13
N LEU A 123 -13.70 -7.22 -5.92
CA LEU A 123 -14.20 -6.36 -7.02
C LEU A 123 -13.25 -6.35 -8.22
N ALA A 124 -11.94 -6.52 -7.98
CA ALA A 124 -10.94 -6.46 -9.06
C ALA A 124 -11.05 -7.65 -10.03
N ALA A 125 -11.78 -8.69 -9.65
CA ALA A 125 -11.89 -9.88 -10.52
C ALA A 125 -13.17 -9.82 -11.37
N GLU A 126 -13.90 -8.71 -11.25
CA GLU A 126 -15.19 -8.62 -11.93
C GLU A 126 -15.18 -7.51 -12.96
N LEU A 127 -16.17 -7.53 -13.87
CA LEU A 127 -16.29 -6.48 -14.90
C LEU A 127 -14.99 -6.34 -15.70
N GLU A 128 -14.31 -5.20 -15.62
CA GLU A 128 -13.06 -4.99 -16.37
C GLU A 128 -11.97 -5.99 -15.96
N GLY A 129 -11.99 -6.41 -14.71
CA GLY A 129 -10.97 -7.31 -14.19
C GLY A 129 -11.20 -8.79 -14.50
N GLY A 130 -12.42 -9.15 -14.94
CA GLY A 130 -12.72 -10.56 -15.28
C GLY A 130 -11.66 -11.25 -16.15
N PRO A 131 -11.44 -10.75 -17.37
CA PRO A 131 -10.46 -11.23 -18.34
C PRO A 131 -9.05 -10.67 -18.13
N ARG A 132 -8.88 -9.81 -17.13
CA ARG A 132 -7.62 -9.13 -16.91
C ARG A 132 -7.23 -9.22 -15.42
N PRO A 133 -6.87 -10.43 -14.95
CA PRO A 133 -6.76 -10.69 -13.50
C PRO A 133 -5.79 -9.80 -12.70
N THR A 134 -4.74 -9.29 -13.34
CA THR A 134 -3.77 -8.45 -12.61
C THR A 134 -3.89 -6.94 -12.89
N HIS A 135 -4.85 -6.56 -13.72
CA HIS A 135 -4.96 -5.16 -14.16
C HIS A 135 -5.12 -4.21 -12.97
N PHE A 136 -6.09 -4.48 -12.11
CA PHE A 136 -6.35 -3.55 -11.01
C PHE A 136 -5.28 -3.56 -9.91
N ALA A 137 -4.63 -4.70 -9.71
CA ALA A 137 -3.46 -4.75 -8.84
C ALA A 137 -2.40 -3.78 -9.40
N GLY A 138 -2.21 -3.73 -10.72
CA GLY A 138 -1.27 -2.76 -11.32
C GLY A 138 -1.68 -1.32 -11.07
N VAL A 139 -2.96 -1.05 -11.25
CA VAL A 139 -3.48 0.31 -11.06
C VAL A 139 -3.32 0.73 -9.59
N LEU A 140 -3.78 -0.10 -8.66
CA LEU A 140 -3.73 0.28 -7.25
C LEU A 140 -2.28 0.42 -6.74
N THR A 141 -1.39 -0.40 -7.27
CA THR A 141 0.03 -0.31 -6.88
C THR A 141 0.60 1.03 -7.31
N VAL A 142 0.38 1.42 -8.55
CA VAL A 142 0.94 2.69 -8.97
C VAL A 142 0.26 3.90 -8.27
N VAL A 143 -1.06 3.83 -8.06
CA VAL A 143 -1.76 4.93 -7.41
C VAL A 143 -1.26 5.05 -5.96
N LEU A 144 -1.04 3.92 -5.29
CA LEU A 144 -0.50 3.98 -3.92
C LEU A 144 0.84 4.70 -3.92
N LYS A 145 1.70 4.32 -4.87
CA LYS A 145 3.03 4.92 -4.98
C LYS A 145 2.94 6.43 -5.22
N LEU A 146 2.08 6.86 -6.12
CA LEU A 146 1.97 8.27 -6.48
C LEU A 146 1.47 9.05 -5.28
N LEU A 147 0.53 8.45 -4.54
CA LEU A 147 0.03 9.07 -3.32
C LEU A 147 1.11 9.23 -2.23
N GLN A 148 2.00 8.25 -2.10
CA GLN A 148 3.05 8.30 -1.10
C GLN A 148 4.14 9.28 -1.51
N ILE A 149 4.39 9.36 -2.82
CA ILE A 149 5.42 10.27 -3.31
C ILE A 149 4.97 11.72 -3.13
N VAL A 150 3.75 12.00 -3.56
CA VAL A 150 3.23 13.37 -3.61
C VAL A 150 2.56 13.79 -2.30
N ARG A 151 1.97 12.84 -1.58
CA ARG A 151 1.22 13.10 -0.34
C ARG A 151 0.23 14.27 -0.51
N PRO A 152 -0.69 14.14 -1.48
CA PRO A 152 -1.69 15.21 -1.69
C PRO A 152 -2.73 15.22 -0.58
N ASP A 153 -3.36 16.37 -0.37
CA ASP A 153 -4.59 16.46 0.43
C ASP A 153 -5.82 15.81 -0.22
N ARG A 154 -5.94 15.99 -1.53
CA ARG A 154 -7.00 15.41 -2.33
C ARG A 154 -6.43 14.89 -3.64
N VAL A 155 -7.05 13.84 -4.12
CA VAL A 155 -6.70 13.24 -5.42
C VAL A 155 -7.93 13.16 -6.30
N PHE A 156 -7.75 13.45 -7.59
CA PHE A 156 -8.89 13.63 -8.53
C PHE A 156 -8.90 12.58 -9.64
N PHE A 157 -10.07 11.98 -9.88
CA PHE A 157 -10.28 10.99 -10.92
C PHE A 157 -11.58 11.30 -11.65
N GLY A 158 -11.64 11.00 -12.95
CA GLY A 158 -12.92 11.02 -13.68
C GLY A 158 -13.81 9.85 -13.30
N GLU A 159 -15.12 10.01 -13.47
CA GLU A 159 -16.08 8.92 -13.19
C GLU A 159 -16.20 7.89 -14.32
N LYS A 160 -15.61 8.16 -15.49
CA LYS A 160 -15.79 7.24 -16.63
C LYS A 160 -15.28 5.84 -16.29
N ASP A 161 -14.10 5.77 -15.70
CA ASP A 161 -13.58 4.49 -15.25
C ASP A 161 -14.07 4.31 -13.81
N TYR A 162 -15.35 4.00 -13.70
CA TYR A 162 -16.00 4.07 -12.40
C TYR A 162 -15.53 2.93 -11.47
N GLN A 163 -15.37 1.74 -12.04
CA GLN A 163 -14.82 0.60 -11.27
C GLN A 163 -13.44 0.92 -10.70
N GLN A 164 -12.59 1.54 -11.51
CA GLN A 164 -11.29 1.98 -11.01
C GLN A 164 -11.46 2.95 -9.82
N LEU A 165 -12.40 3.90 -9.92
CA LEU A 165 -12.60 4.91 -8.90
C LEU A 165 -13.05 4.23 -7.62
N VAL A 166 -13.96 3.28 -7.73
CA VAL A 166 -14.46 2.57 -6.54
C VAL A 166 -13.30 1.82 -5.84
N LEU A 167 -12.48 1.14 -6.63
CA LEU A 167 -11.35 0.40 -6.09
C LEU A 167 -10.35 1.32 -5.42
N ILE A 168 -10.14 2.49 -6.02
CA ILE A 168 -9.27 3.51 -5.40
C ILE A 168 -9.84 4.00 -4.05
N ARG A 169 -11.16 4.20 -3.96
CA ARG A 169 -11.77 4.50 -2.66
C ARG A 169 -11.52 3.34 -1.69
N GLN A 170 -11.58 2.10 -2.18
CA GLN A 170 -11.32 0.95 -1.32
C GLN A 170 -9.87 0.95 -0.82
N LEU A 171 -8.93 1.22 -1.72
CA LEU A 171 -7.49 1.37 -1.38
C LEU A 171 -7.32 2.40 -0.24
N VAL A 172 -7.92 3.56 -0.42
CA VAL A 172 -7.77 4.66 0.52
C VAL A 172 -8.36 4.32 1.89
N ALA A 173 -9.54 3.71 1.90
CA ALA A 173 -10.16 3.30 3.17
C ALA A 173 -9.36 2.19 3.84
N ASP A 174 -9.01 1.16 3.07
CA ASP A 174 -8.45 -0.09 3.60
C ASP A 174 -7.03 0.05 4.11
N PHE A 175 -6.29 1.02 3.53
CA PHE A 175 -4.94 1.30 3.97
C PHE A 175 -4.86 2.58 4.82
N ASN A 176 -6.02 3.12 5.21
CA ASN A 176 -6.07 4.30 6.10
C ASN A 176 -5.31 5.47 5.55
N LEU A 177 -5.35 5.67 4.23
CA LEU A 177 -4.63 6.78 3.59
C LEU A 177 -5.25 8.12 3.93
N ASP A 178 -4.42 9.12 4.21
CA ASP A 178 -4.93 10.42 4.64
C ASP A 178 -5.02 11.32 3.42
N VAL A 179 -5.94 10.97 2.52
CA VAL A 179 -6.20 11.73 1.29
C VAL A 179 -7.70 11.64 1.03
N ALA A 180 -8.26 12.70 0.48
CA ALA A 180 -9.65 12.70 0.07
C ALA A 180 -9.72 12.37 -1.40
N VAL A 181 -10.56 11.39 -1.75
CA VAL A 181 -10.74 11.02 -3.16
C VAL A 181 -11.92 11.80 -3.75
N VAL A 182 -11.68 12.49 -4.86
CA VAL A 182 -12.70 13.31 -5.49
C VAL A 182 -12.99 12.76 -6.87
N GLY A 183 -14.23 12.30 -7.08
CA GLY A 183 -14.65 11.83 -8.41
C GLY A 183 -15.32 12.96 -9.16
N VAL A 184 -14.94 13.14 -10.41
CA VAL A 184 -15.43 14.25 -11.25
C VAL A 184 -16.32 13.72 -12.37
N PRO A 185 -17.55 14.27 -12.53
CA PRO A 185 -18.42 13.68 -13.55
C PRO A 185 -17.80 13.75 -14.92
N THR A 186 -18.03 12.68 -15.67
CA THR A 186 -17.49 12.47 -17.02
C THR A 186 -17.80 13.60 -18.01
N VAL A 187 -16.75 14.19 -18.59
CA VAL A 187 -16.90 15.21 -19.64
C VAL A 187 -17.26 14.50 -20.94
N ARG A 188 -18.17 15.07 -21.72
CA ARG A 188 -18.67 14.41 -22.93
C ARG A 188 -18.57 15.29 -24.17
N GLU A 189 -18.39 14.65 -25.32
CA GLU A 189 -18.54 15.34 -26.61
C GLU A 189 -20.00 15.82 -26.74
N ALA A 190 -20.24 16.67 -27.76
CA ALA A 190 -21.58 17.28 -27.91
C ALA A 190 -22.72 16.27 -28.04
N ASP A 191 -22.45 15.13 -28.66
CA ASP A 191 -23.46 14.12 -28.89
C ASP A 191 -23.65 13.18 -27.69
N GLY A 192 -22.77 13.34 -26.69
CA GLY A 192 -22.85 12.54 -25.46
C GLY A 192 -21.74 11.53 -25.27
N LEU A 193 -20.93 11.29 -26.32
CA LEU A 193 -19.81 10.35 -26.22
C LEU A 193 -18.86 10.72 -25.07
N ALA A 194 -18.62 9.79 -24.13
CA ALA A 194 -17.66 10.02 -23.05
C ALA A 194 -16.29 10.32 -23.65
N MET A 195 -15.65 11.36 -23.16
CA MET A 195 -14.29 11.67 -23.59
C MET A 195 -13.37 10.50 -23.25
N SER A 196 -12.44 10.22 -24.14
CA SER A 196 -11.47 9.17 -23.91
C SER A 196 -10.27 9.36 -24.79
N SER A 197 -9.09 9.06 -24.24
CA SER A 197 -7.86 9.04 -25.05
CA SER A 197 -7.86 9.03 -25.03
C SER A 197 -7.94 7.92 -26.11
N ARG A 198 -8.94 7.05 -26.01
CA ARG A 198 -9.03 6.00 -27.04
CA ARG A 198 -9.16 5.93 -26.96
C ARG A 198 -10.11 6.27 -28.12
N ASN A 199 -10.80 7.40 -28.02
CA ASN A 199 -11.75 7.78 -29.07
C ASN A 199 -11.08 8.03 -30.42
N ARG A 200 -9.78 8.39 -30.36
CA ARG A 200 -8.96 8.62 -31.56
C ARG A 200 -8.87 7.38 -32.45
N TYR A 201 -9.15 6.20 -31.89
CA TYR A 201 -9.12 4.94 -32.65
C TYR A 201 -10.42 4.53 -33.31
N LEU A 202 -11.42 5.42 -33.25
CA LEU A 202 -12.71 5.22 -33.93
C LEU A 202 -12.66 5.86 -35.31
N ASP A 203 -12.95 5.08 -36.36
CA ASP A 203 -13.04 5.67 -37.70
C ASP A 203 -14.38 6.41 -37.77
N PRO A 204 -14.64 7.21 -38.84
CA PRO A 204 -15.89 7.98 -38.89
C PRO A 204 -17.16 7.15 -38.66
N ALA A 205 -17.24 5.95 -39.24
CA ALA A 205 -18.41 5.07 -39.04
C ALA A 205 -18.53 4.66 -37.56
N GLN A 206 -17.40 4.26 -36.96
CA GLN A 206 -17.40 3.81 -35.56
C GLN A 206 -17.68 4.97 -34.63
N ARG A 207 -17.17 6.16 -34.94
CA ARG A 207 -17.46 7.32 -34.15
C ARG A 207 -18.97 7.61 -34.14
N ALA A 208 -19.59 7.51 -35.33
CA ALA A 208 -21.04 7.71 -35.47
C ALA A 208 -21.80 6.72 -34.60
N ALA A 209 -21.41 5.44 -34.68
CA ALA A 209 -22.08 4.36 -33.95
C ALA A 209 -21.86 4.44 -32.43
N ALA A 210 -20.70 4.98 -32.03
CA ALA A 210 -20.28 5.03 -30.62
C ALA A 210 -21.21 5.85 -29.71
N VAL A 211 -22.03 6.72 -30.31
CA VAL A 211 -23.00 7.52 -29.54
C VAL A 211 -24.01 6.57 -28.86
N ALA A 212 -24.16 5.36 -29.40
CA ALA A 212 -25.10 4.42 -28.81
C ALA A 212 -24.83 4.13 -27.33
N LEU A 213 -23.57 4.20 -26.89
CA LEU A 213 -23.35 3.85 -25.47
C LEU A 213 -24.03 4.84 -24.54
N SER A 214 -23.77 6.12 -24.76
CA SER A 214 -24.31 7.19 -23.93
C SER A 214 -25.81 7.32 -24.15
N ALA A 215 -26.27 7.11 -25.39
CA ALA A 215 -27.70 7.15 -25.70
C ALA A 215 -28.42 6.04 -24.92
N ALA A 216 -27.85 4.83 -24.94
CA ALA A 216 -28.42 3.67 -24.21
C ALA A 216 -28.49 3.97 -22.70
N LEU A 217 -27.40 4.50 -22.13
CA LEU A 217 -27.34 4.80 -20.68
C LEU A 217 -28.37 5.87 -20.25
N THR A 218 -28.47 6.96 -21.01
CA THR A 218 -29.39 8.05 -20.73
CA THR A 218 -29.41 8.02 -20.67
C THR A 218 -30.85 7.57 -20.89
N ALA A 219 -31.10 6.79 -21.95
CA ALA A 219 -32.42 6.16 -22.14
C ALA A 219 -32.78 5.31 -20.90
N ALA A 220 -31.85 4.45 -20.46
CA ALA A 220 -32.08 3.64 -19.26
C ALA A 220 -32.37 4.50 -18.02
N ALA A 221 -31.63 5.59 -17.86
CA ALA A 221 -31.75 6.43 -16.66
C ALA A 221 -33.16 7.00 -16.59
N HIS A 222 -33.74 7.25 -17.76
CA HIS A 222 -35.11 7.80 -17.82
C HIS A 222 -36.20 6.74 -17.78
N ALA A 223 -35.93 5.59 -18.41
CA ALA A 223 -36.80 4.40 -18.36
C ALA A 223 -36.95 3.88 -16.93
N ALA A 224 -35.97 4.21 -16.09
CA ALA A 224 -35.85 3.61 -14.74
C ALA A 224 -37.04 3.92 -13.79
N THR A 225 -37.91 4.85 -14.13
CA THR A 225 -39.12 5.10 -13.32
C THR A 225 -40.00 3.86 -13.34
N ALA A 226 -39.88 3.11 -14.42
CA ALA A 226 -40.61 1.86 -14.64
C ALA A 226 -39.86 0.60 -14.14
N GLY A 227 -38.73 0.77 -13.49
CA GLY A 227 -38.02 -0.37 -12.86
C GLY A 227 -36.74 -0.76 -13.57
N ALA A 228 -36.02 -1.70 -12.95
CA ALA A 228 -34.73 -2.16 -13.43
C ALA A 228 -34.83 -2.86 -14.78
N GLN A 229 -35.85 -3.70 -14.94
CA GLN A 229 -35.97 -4.45 -16.18
C GLN A 229 -36.19 -3.48 -17.36
N ALA A 230 -37.04 -2.48 -17.13
CA ALA A 230 -37.32 -1.50 -18.18
C ALA A 230 -36.07 -0.74 -18.55
N ALA A 231 -35.30 -0.31 -17.53
CA ALA A 231 -34.05 0.44 -17.75
C ALA A 231 -33.05 -0.36 -18.58
N LEU A 232 -32.82 -1.59 -18.13
CA LEU A 232 -31.91 -2.51 -18.82
C LEU A 232 -32.35 -2.82 -20.24
N ASP A 233 -33.64 -3.09 -20.42
CA ASP A 233 -34.13 -3.40 -21.76
C ASP A 233 -34.08 -2.17 -22.70
N ALA A 234 -34.30 -0.96 -22.16
CA ALA A 234 -34.16 0.28 -22.97
C ALA A 234 -32.72 0.41 -23.48
N ALA A 235 -31.77 0.22 -22.58
CA ALA A 235 -30.35 0.36 -22.92
C ALA A 235 -30.01 -0.72 -23.96
N ARG A 236 -30.48 -1.94 -23.74
CA ARG A 236 -30.19 -3.04 -24.70
C ARG A 236 -30.72 -2.76 -26.12
N ALA A 237 -31.92 -2.20 -26.17
CA ALA A 237 -32.57 -1.88 -27.44
C ALA A 237 -31.73 -0.90 -28.25
N VAL A 238 -31.23 0.13 -27.58
CA VAL A 238 -30.41 1.13 -28.24
C VAL A 238 -29.10 0.52 -28.73
N LEU A 239 -28.45 -0.24 -27.87
CA LEU A 239 -27.18 -0.90 -28.24
C LEU A 239 -27.37 -1.84 -29.42
N ASP A 240 -28.45 -2.61 -29.37
CA ASP A 240 -28.84 -3.54 -30.44
C ASP A 240 -29.16 -2.86 -31.77
N ALA A 241 -29.67 -1.64 -31.74
CA ALA A 241 -29.97 -0.86 -32.94
C ALA A 241 -28.72 -0.27 -33.59
N ALA A 242 -27.57 -0.39 -32.91
CA ALA A 242 -26.39 0.36 -33.35
C ALA A 242 -25.52 -0.53 -34.20
N PRO A 243 -25.08 0.00 -35.37
CA PRO A 243 -24.31 -0.79 -36.31
C PRO A 243 -22.91 -1.02 -35.77
N GLY A 244 -22.50 -2.28 -35.66
CA GLY A 244 -21.11 -2.59 -35.36
C GLY A 244 -20.68 -2.39 -33.92
N VAL A 245 -21.64 -2.26 -33.01
CA VAL A 245 -21.35 -2.25 -31.58
C VAL A 245 -21.50 -3.67 -31.03
N ALA A 246 -20.41 -4.21 -30.49
CA ALA A 246 -20.41 -5.54 -29.89
C ALA A 246 -20.28 -5.39 -28.39
N VAL A 247 -21.38 -5.67 -27.69
CA VAL A 247 -21.42 -5.43 -26.26
C VAL A 247 -20.65 -6.51 -25.52
N ASP A 248 -19.75 -6.11 -24.62
N ASP A 248 -19.71 -6.07 -24.69
CA ASP A 248 -19.03 -7.03 -23.74
CA ASP A 248 -19.01 -6.91 -23.74
C ASP A 248 -19.76 -7.29 -22.42
C ASP A 248 -19.99 -7.24 -22.61
N TYR A 249 -20.28 -6.22 -21.80
CA TYR A 249 -21.27 -6.33 -20.70
C TYR A 249 -22.13 -5.06 -20.60
N LEU A 250 -23.28 -5.23 -19.96
CA LEU A 250 -24.17 -4.14 -19.61
C LEU A 250 -24.75 -4.59 -18.29
N GLU A 251 -24.40 -3.89 -17.21
CA GLU A 251 -24.76 -4.34 -15.86
C GLU A 251 -25.17 -3.23 -14.95
N LEU A 252 -26.24 -3.49 -14.22
CA LEU A 252 -26.75 -2.54 -13.26
C LEU A 252 -26.38 -3.03 -11.86
N ARG A 253 -25.64 -2.20 -11.14
CA ARG A 253 -25.18 -2.60 -9.81
C ARG A 253 -25.48 -1.56 -8.76
N ASP A 254 -25.38 -1.95 -7.49
CA ASP A 254 -25.31 -0.97 -6.43
C ASP A 254 -24.17 0.04 -6.71
N ILE A 255 -24.23 1.24 -6.13
CA ILE A 255 -23.22 2.27 -6.43
C ILE A 255 -21.76 1.93 -6.06
N GLY A 256 -21.58 1.14 -5.01
CA GLY A 256 -20.22 0.71 -4.64
C GLY A 256 -19.82 -0.57 -5.35
N LEU A 257 -20.66 -1.04 -6.27
CA LEU A 257 -20.40 -2.23 -7.11
C LEU A 257 -20.12 -3.49 -6.28
N GLY A 258 -20.30 -3.40 -4.96
CA GLY A 258 -19.83 -4.44 -4.00
C GLY A 258 -20.85 -5.56 -3.81
N PRO A 259 -20.66 -6.39 -2.77
CA PRO A 259 -21.53 -7.55 -2.52
C PRO A 259 -22.88 -7.19 -1.86
N MET A 260 -23.59 -6.25 -2.47
CA MET A 260 -24.95 -5.95 -2.03
C MET A 260 -25.87 -5.69 -3.22
N PRO A 261 -27.16 -6.05 -3.08
CA PRO A 261 -28.05 -5.83 -4.20
C PRO A 261 -28.35 -4.35 -4.42
N LEU A 262 -28.79 -4.05 -5.63
CA LEU A 262 -29.31 -2.75 -5.98
C LEU A 262 -30.50 -2.38 -5.08
N ASN A 263 -30.45 -1.21 -4.47
CA ASN A 263 -31.63 -0.60 -3.85
C ASN A 263 -32.25 0.49 -4.76
N GLY A 264 -32.44 1.70 -4.26
CA GLY A 264 -32.91 2.80 -5.08
C GLY A 264 -31.85 3.37 -6.00
N SER A 265 -30.60 3.41 -5.55
CA SER A 265 -29.51 4.08 -6.26
C SER A 265 -28.53 3.08 -6.82
N GLY A 266 -28.25 3.19 -8.11
CA GLY A 266 -27.45 2.20 -8.81
C GLY A 266 -26.50 2.89 -9.75
N ARG A 267 -25.66 2.09 -10.38
CA ARG A 267 -24.81 2.58 -11.46
C ARG A 267 -24.99 1.60 -12.57
N LEU A 268 -25.26 2.09 -13.77
CA LEU A 268 -25.34 1.21 -14.93
C LEU A 268 -24.05 1.35 -15.73
N LEU A 269 -23.38 0.24 -15.95
CA LEU A 269 -22.07 0.25 -16.61
C LEU A 269 -22.13 -0.51 -17.91
N VAL A 270 -21.46 0.02 -18.92
CA VAL A 270 -21.43 -0.66 -20.22
C VAL A 270 -19.98 -0.72 -20.72
N ALA A 271 -19.61 -1.81 -21.39
CA ALA A 271 -18.38 -1.87 -22.16
C ALA A 271 -18.72 -2.53 -23.48
N ALA A 272 -18.20 -1.98 -24.58
CA ALA A 272 -18.50 -2.50 -25.91
C ALA A 272 -17.28 -2.32 -26.80
N ARG A 273 -17.16 -3.17 -27.82
CA ARG A 273 -16.12 -3.03 -28.83
C ARG A 273 -16.70 -2.47 -30.11
N LEU A 274 -15.99 -1.51 -30.67
CA LEU A 274 -16.24 -1.00 -32.00
C LEU A 274 -14.98 -1.31 -32.80
N GLY A 275 -15.03 -2.34 -33.65
CA GLY A 275 -13.78 -2.81 -34.27
C GLY A 275 -12.88 -3.37 -33.17
N THR A 276 -11.66 -2.85 -33.07
CA THR A 276 -10.74 -3.31 -32.02
C THR A 276 -10.73 -2.41 -30.79
N THR A 277 -11.52 -1.34 -30.84
CA THR A 277 -11.55 -0.32 -29.81
C THR A 277 -12.60 -0.61 -28.75
N ARG A 278 -12.15 -0.75 -27.51
CA ARG A 278 -13.07 -1.05 -26.42
C ARG A 278 -13.42 0.28 -25.76
N LEU A 279 -14.72 0.57 -25.69
CA LEU A 279 -15.21 1.80 -25.02
C LEU A 279 -15.97 1.45 -23.75
N LEU A 280 -15.85 2.30 -22.74
CA LEU A 280 -16.61 2.14 -21.49
C LEU A 280 -17.48 3.37 -21.25
N ASP A 281 -18.59 3.20 -20.54
CA ASP A 281 -19.35 4.36 -20.03
C ASP A 281 -20.20 3.87 -18.89
N ASN A 282 -20.69 4.81 -18.09
CA ASN A 282 -21.55 4.47 -16.96
C ASN A 282 -22.40 5.68 -16.58
N ILE A 283 -23.48 5.44 -15.83
CA ILE A 283 -24.34 6.54 -15.45
C ILE A 283 -25.00 6.18 -14.13
N ALA A 284 -25.32 7.20 -13.34
CA ALA A 284 -26.13 7.01 -12.13
C ALA A 284 -27.54 6.63 -12.55
N ILE A 285 -28.13 5.69 -11.81
CA ILE A 285 -29.52 5.27 -12.06
C ILE A 285 -30.30 5.33 -10.74
N GLU A 286 -31.46 5.98 -10.76
CA GLU A 286 -32.39 5.93 -9.61
C GLU A 286 -33.59 5.07 -10.00
N ILE A 287 -33.89 4.06 -9.19
CA ILE A 287 -34.93 3.12 -9.53
C ILE A 287 -36.26 3.58 -8.97
N GLY A 288 -37.26 3.71 -9.86
CA GLY A 288 -38.61 4.04 -9.48
C GLY A 288 -39.00 5.44 -9.01
N THR A 289 -38.42 6.54 -9.53
CA THR A 289 -37.05 6.68 -10.05
C THR A 289 -36.54 7.99 -9.47
N PHE A 290 -35.75 7.83 -8.41
CA PHE A 290 -35.55 8.80 -7.35
C PHE A 290 -36.64 8.46 -6.34
N MET B 1 -14.29 19.58 15.58
CA MET B 1 -12.99 19.98 14.96
C MET B 1 -11.84 19.66 15.92
N ALA B 2 -12.18 19.52 17.21
CA ALA B 2 -11.20 19.48 18.30
C ALA B 2 -10.30 18.23 18.33
N ILE B 3 -9.02 18.47 18.63
CA ILE B 3 -8.05 17.38 18.79
C ILE B 3 -8.41 16.62 20.07
N PRO B 4 -8.34 15.28 20.04
CA PRO B 4 -8.56 14.53 21.28
C PRO B 4 -7.61 15.00 22.37
N ALA B 5 -8.03 14.87 23.62
CA ALA B 5 -7.18 15.17 24.77
C ALA B 5 -5.82 14.45 24.72
N PHE B 6 -4.75 15.21 24.92
CA PHE B 6 -3.41 14.66 25.06
C PHE B 6 -2.70 15.40 26.18
N HIS B 7 -2.29 14.64 27.20
CA HIS B 7 -1.56 15.18 28.34
C HIS B 7 -0.11 14.74 28.26
N PRO B 8 0.80 15.68 27.91
CA PRO B 8 2.23 15.44 27.83
C PRO B 8 2.79 14.87 29.13
N GLY B 9 3.72 13.93 29.00
CA GLY B 9 4.34 13.27 30.16
C GLY B 9 3.47 12.26 30.88
N GLU B 10 2.31 11.98 30.33
CA GLU B 10 1.47 10.91 30.87
C GLU B 10 1.22 9.86 29.79
N LEU B 11 0.78 8.67 30.20
CA LEU B 11 0.38 7.65 29.22
C LEU B 11 -1.05 7.90 28.72
N ASN B 12 -1.16 8.26 27.44
CA ASN B 12 -2.42 8.56 26.81
C ASN B 12 -2.83 7.39 25.95
N VAL B 13 -3.98 6.81 26.25
CA VAL B 13 -4.44 5.59 25.59
C VAL B 13 -5.59 5.90 24.62
N TYR B 14 -5.46 5.47 23.36
CA TYR B 14 -6.48 5.70 22.33
C TYR B 14 -6.77 4.40 21.62
N SER B 15 -8.03 4.05 21.52
CA SER B 15 -8.41 2.84 20.77
C SER B 15 -8.89 3.16 19.38
N ALA B 16 -9.27 4.42 19.11
CA ALA B 16 -9.82 4.80 17.81
C ALA B 16 -8.70 5.24 16.88
N PRO B 17 -8.58 4.60 15.71
CA PRO B 17 -7.57 5.02 14.73
C PRO B 17 -7.60 6.53 14.45
N GLY B 18 -8.79 7.10 14.30
CA GLY B 18 -8.91 8.52 14.00
C GLY B 18 -8.37 9.40 15.12
N ASP B 19 -8.52 8.94 16.36
CA ASP B 19 -8.02 9.68 17.49
C ASP B 19 -6.50 9.70 17.51
N VAL B 20 -5.88 8.53 17.38
CA VAL B 20 -4.43 8.50 17.37
C VAL B 20 -3.88 9.31 16.18
N ALA B 21 -4.55 9.25 15.03
CA ALA B 21 -4.13 9.97 13.81
C ALA B 21 -4.12 11.49 14.07
N ASP B 22 -5.22 11.97 14.67
CA ASP B 22 -5.37 13.40 15.00
C ASP B 22 -4.33 13.88 16.02
N VAL B 23 -4.09 13.10 17.08
CA VAL B 23 -3.11 13.49 18.09
C VAL B 23 -1.69 13.47 17.50
N SER B 24 -1.38 12.41 16.74
CA SER B 24 -0.07 12.32 16.12
C SER B 24 0.16 13.53 15.20
N ARG B 25 -0.85 13.89 14.42
CA ARG B 25 -0.73 15.05 13.52
C ARG B 25 -0.56 16.35 14.32
N ALA B 26 -1.38 16.55 15.36
CA ALA B 26 -1.18 17.72 16.22
C ALA B 26 0.24 17.78 16.80
N LEU B 27 0.75 16.65 17.26
CA LEU B 27 2.10 16.60 17.85
C LEU B 27 3.18 16.94 16.82
N ARG B 28 3.01 16.35 15.63
CA ARG B 28 3.88 16.59 14.48
CA ARG B 28 3.88 16.59 14.47
C ARG B 28 3.94 18.10 14.19
N LEU B 29 2.79 18.76 14.21
CA LEU B 29 2.69 20.22 13.94
C LEU B 29 3.35 21.08 15.01
N THR B 30 3.49 20.57 16.23
CA THR B 30 4.15 21.30 17.31
C THR B 30 5.66 21.02 17.38
N GLY B 31 6.17 20.18 16.48
CA GLY B 31 7.61 19.94 16.43
C GLY B 31 8.11 18.59 16.93
N ARG B 32 7.26 17.85 17.63
CA ARG B 32 7.65 16.54 18.17
C ARG B 32 7.92 15.57 17.02
N ARG B 33 8.93 14.71 17.19
CA ARG B 33 9.22 13.66 16.20
C ARG B 33 8.53 12.38 16.65
N VAL B 34 7.67 11.85 15.81
CA VAL B 34 6.79 10.73 16.20
C VAL B 34 7.46 9.39 15.93
N MET B 35 7.63 8.56 16.97
CA MET B 35 8.26 7.26 16.82
C MET B 35 7.21 6.20 17.06
N LEU B 36 7.19 5.18 16.23
CA LEU B 36 6.22 4.09 16.39
C LEU B 36 6.90 2.77 16.73
N VAL B 37 6.37 2.09 17.76
CA VAL B 37 6.84 0.75 18.14
C VAL B 37 5.64 -0.19 18.07
N PRO B 38 5.50 -0.92 16.97
CA PRO B 38 4.35 -1.83 16.88
C PRO B 38 4.56 -3.14 17.63
N THR B 39 3.54 -3.57 18.36
CA THR B 39 3.61 -4.77 19.19
C THR B 39 2.28 -5.53 19.18
N MET B 40 2.32 -6.74 19.70
CA MET B 40 1.08 -7.47 19.92
C MET B 40 0.76 -7.67 21.39
N GLY B 41 1.26 -6.77 22.23
CA GLY B 41 1.04 -6.85 23.68
C GLY B 41 1.87 -7.96 24.30
N ALA B 42 1.59 -8.26 25.57
CA ALA B 42 2.41 -9.18 26.36
C ALA B 42 3.86 -8.76 26.22
N LEU B 43 4.13 -7.54 26.67
CA LEU B 43 5.42 -6.90 26.46
C LEU B 43 6.52 -7.55 27.26
N HIS B 44 7.69 -7.67 26.64
CA HIS B 44 8.88 -8.21 27.28
C HIS B 44 10.08 -7.30 27.08
N GLU B 45 11.25 -7.71 27.58
CA GLU B 45 12.44 -6.86 27.55
C GLU B 45 12.83 -6.44 26.14
N GLY B 46 12.49 -7.29 25.17
CA GLY B 46 12.74 -6.95 23.76
C GLY B 46 11.94 -5.73 23.34
N HIS B 47 10.66 -5.73 23.67
CA HIS B 47 9.78 -4.59 23.38
C HIS B 47 10.28 -3.35 24.12
N LEU B 48 10.70 -3.51 25.38
CA LEU B 48 11.29 -2.39 26.12
C LEU B 48 12.56 -1.81 25.46
N ALA B 49 13.41 -2.68 24.91
CA ALA B 49 14.54 -2.20 24.13
C ALA B 49 14.11 -1.38 22.91
N LEU B 50 13.00 -1.74 22.26
CA LEU B 50 12.49 -0.94 21.13
C LEU B 50 12.03 0.43 21.62
N VAL B 51 11.31 0.42 22.74
CA VAL B 51 10.86 1.65 23.38
C VAL B 51 12.02 2.55 23.72
N ARG B 52 13.06 1.98 24.34
CA ARG B 52 14.17 2.79 24.80
C ARG B 52 14.92 3.39 23.64
N ALA B 53 15.01 2.63 22.55
CA ALA B 53 15.63 3.07 21.31
C ALA B 53 14.85 4.29 20.76
N ALA B 54 13.52 4.18 20.73
CA ALA B 54 12.66 5.24 20.25
C ALA B 54 12.78 6.47 21.14
N LYS B 55 12.85 6.25 22.45
CA LYS B 55 12.89 7.33 23.43
C LYS B 55 14.10 8.22 23.29
N ARG B 56 15.22 7.64 22.90
CA ARG B 56 16.42 8.46 22.86
C ARG B 56 16.56 9.41 21.66
N VAL B 57 15.64 9.33 20.70
CA VAL B 57 15.61 10.33 19.63
C VAL B 57 15.17 11.69 20.26
N PRO B 58 16.00 12.75 20.12
CA PRO B 58 15.59 14.02 20.73
C PRO B 58 14.28 14.54 20.15
N GLY B 59 13.46 15.05 21.06
CA GLY B 59 12.14 15.57 20.69
C GLY B 59 11.11 14.50 20.34
N SER B 60 11.42 13.24 20.66
CA SER B 60 10.53 12.11 20.35
C SER B 60 9.26 12.15 21.19
N VAL B 61 8.15 11.72 20.57
CA VAL B 61 7.00 11.19 21.31
C VAL B 61 6.89 9.73 20.85
N VAL B 62 6.70 8.81 21.81
CA VAL B 62 6.67 7.41 21.49
C VAL B 62 5.24 6.90 21.47
N VAL B 63 4.87 6.30 20.34
CA VAL B 63 3.61 5.61 20.16
C VAL B 63 3.89 4.11 20.16
N VAL B 64 3.27 3.38 21.09
CA VAL B 64 3.37 1.93 21.10
C VAL B 64 1.99 1.43 20.73
N SER B 65 1.91 0.71 19.61
CA SER B 65 0.65 0.09 19.23
C SER B 65 0.60 -1.32 19.82
N ILE B 66 -0.61 -1.71 20.21
CA ILE B 66 -0.83 -3.04 20.76
C ILE B 66 -2.03 -3.57 20.02
N PHE B 67 -1.77 -4.50 19.11
CA PHE B 67 -2.84 -5.05 18.29
C PHE B 67 -2.50 -6.46 17.87
N VAL B 68 -3.39 -7.40 18.20
CA VAL B 68 -3.23 -8.79 17.80
C VAL B 68 -3.87 -8.96 16.43
N ASN B 69 -3.03 -9.15 15.44
CA ASN B 69 -3.46 -9.26 14.06
C ASN B 69 -3.96 -10.67 13.77
N PRO B 70 -5.30 -10.83 13.56
CA PRO B 70 -5.82 -12.17 13.25
C PRO B 70 -5.30 -12.67 11.90
N MET B 71 -4.80 -11.72 11.11
CA MET B 71 -4.35 -11.89 9.73
C MET B 71 -2.94 -12.49 9.64
N GLN B 72 -2.18 -12.42 10.73
CA GLN B 72 -0.82 -12.98 10.80
C GLN B 72 -0.78 -14.24 11.67
N PRO B 83 -2.31 -14.72 23.81
CA PRO B 83 -1.79 -14.12 25.03
C PRO B 83 -1.91 -12.58 25.06
N ARG B 84 -2.42 -12.07 26.19
CA ARG B 84 -2.57 -10.64 26.44
C ARG B 84 -2.55 -10.32 27.94
N THR B 85 -1.83 -9.24 28.30
CA THR B 85 -1.90 -8.68 29.66
C THR B 85 -2.10 -7.15 29.62
N PRO B 86 -3.36 -6.69 29.44
CA PRO B 86 -3.67 -5.28 29.13
C PRO B 86 -3.13 -4.29 30.15
N ASP B 87 -3.52 -4.47 31.41
CA ASP B 87 -3.14 -3.55 32.48
C ASP B 87 -1.64 -3.58 32.80
N ASP B 88 -1.05 -4.78 32.78
CA ASP B 88 0.40 -4.90 32.96
C ASP B 88 1.19 -4.26 31.81
N ASP B 89 0.74 -4.48 30.57
CA ASP B 89 1.38 -3.83 29.42
C ASP B 89 1.41 -2.32 29.63
N LEU B 90 0.26 -1.74 29.96
CA LEU B 90 0.15 -0.28 30.09
C LEU B 90 0.99 0.23 31.24
N ALA B 91 1.01 -0.53 32.35
CA ALA B 91 1.87 -0.21 33.48
C ALA B 91 3.34 -0.20 33.07
N GLN B 92 3.74 -1.17 32.25
CA GLN B 92 5.13 -1.20 31.75
C GLN B 92 5.46 0.03 30.91
N LEU B 93 4.55 0.39 30.00
CA LEU B 93 4.75 1.55 29.14
C LEU B 93 4.81 2.86 29.95
N ARG B 94 3.93 2.99 30.94
CA ARG B 94 3.96 4.10 31.89
C ARG B 94 5.31 4.19 32.58
N ALA B 95 5.85 3.04 32.99
CA ALA B 95 7.17 2.97 33.62
C ALA B 95 8.31 3.41 32.68
N GLU B 96 8.13 3.22 31.37
CA GLU B 96 9.16 3.63 30.41
C GLU B 96 9.03 5.08 29.94
N GLY B 97 8.01 5.78 30.40
CA GLY B 97 7.75 7.16 29.98
C GLY B 97 7.16 7.29 28.58
N VAL B 98 6.49 6.24 28.12
CA VAL B 98 5.76 6.25 26.86
C VAL B 98 4.50 7.13 26.97
N GLU B 99 4.30 8.03 26.03
CA GLU B 99 3.15 8.96 26.09
C GLU B 99 1.91 8.55 25.33
N ILE B 100 2.05 7.66 24.35
CA ILE B 100 0.89 7.20 23.61
C ILE B 100 0.88 5.67 23.45
N ALA B 101 -0.24 5.05 23.80
CA ALA B 101 -0.54 3.67 23.50
C ALA B 101 -1.75 3.65 22.58
N PHE B 102 -1.65 2.91 21.48
CA PHE B 102 -2.76 2.79 20.52
C PHE B 102 -3.26 1.34 20.57
N THR B 103 -4.48 1.15 21.05
CA THR B 103 -5.03 -0.18 21.37
C THR B 103 -6.35 -0.44 20.63
N PRO B 104 -6.29 -0.58 19.28
CA PRO B 104 -7.56 -0.67 18.55
C PRO B 104 -8.15 -2.08 18.61
N THR B 105 -9.44 -2.18 18.33
CA THR B 105 -10.10 -3.46 18.13
C THR B 105 -9.86 -3.96 16.72
N THR B 106 -10.08 -5.26 16.52
CA THR B 106 -10.07 -5.84 15.19
C THR B 106 -11.06 -5.11 14.24
N ALA B 107 -12.27 -4.83 14.75
CA ALA B 107 -13.31 -4.13 13.98
C ALA B 107 -12.87 -2.71 13.55
N ALA B 108 -12.15 -2.02 14.43
CA ALA B 108 -11.65 -0.68 14.13
C ALA B 108 -10.56 -0.70 13.03
N MET B 109 -9.73 -1.72 13.04
CA MET B 109 -8.68 -1.87 12.03
C MET B 109 -9.22 -2.40 10.71
N TYR B 110 -10.28 -3.21 10.79
CA TYR B 110 -10.86 -3.85 9.62
C TYR B 110 -12.40 -3.62 9.58
N PRO B 111 -12.82 -2.34 9.50
CA PRO B 111 -14.26 -1.99 9.53
C PRO B 111 -15.02 -2.55 8.33
N ASP B 112 -14.29 -2.74 7.23
CA ASP B 112 -14.86 -3.35 6.02
C ASP B 112 -14.46 -4.80 5.78
N GLY B 113 -13.94 -5.46 6.82
CA GLY B 113 -13.38 -6.80 6.72
C GLY B 113 -12.10 -6.85 5.90
N LEU B 114 -11.70 -8.05 5.49
CA LEU B 114 -10.54 -8.23 4.64
C LEU B 114 -10.87 -7.89 3.19
N ARG B 115 -10.16 -6.91 2.64
CA ARG B 115 -10.47 -6.46 1.30
C ARG B 115 -9.15 -6.15 0.54
N THR B 116 -8.72 -4.89 0.51
CA THR B 116 -7.42 -4.60 -0.11
C THR B 116 -6.34 -5.04 0.85
N THR B 117 -5.35 -5.75 0.35
CA THR B 117 -4.25 -6.17 1.20
C THR B 117 -2.89 -5.99 0.48
N VAL B 118 -1.79 -6.19 1.23
CA VAL B 118 -0.46 -6.13 0.68
C VAL B 118 -0.05 -7.53 0.26
N GLN B 119 0.45 -7.63 -0.97
CA GLN B 119 1.03 -8.86 -1.45
C GLN B 119 2.55 -8.70 -1.47
N PRO B 120 3.24 -9.40 -0.56
CA PRO B 120 4.69 -9.30 -0.56
C PRO B 120 5.34 -9.88 -1.81
N GLY B 121 6.59 -9.52 -2.04
CA GLY B 121 7.34 -10.16 -3.12
C GLY B 121 7.72 -11.59 -2.72
N PRO B 122 8.43 -12.28 -3.63
CA PRO B 122 8.74 -13.72 -3.52
C PRO B 122 9.56 -14.14 -2.30
N LEU B 123 10.24 -13.20 -1.66
CA LEU B 123 10.91 -13.49 -0.37
C LEU B 123 9.93 -14.05 0.66
N ALA B 124 8.67 -13.60 0.63
CA ALA B 124 7.68 -14.03 1.64
C ALA B 124 7.34 -15.52 1.56
N ALA B 125 7.70 -16.15 0.44
CA ALA B 125 7.44 -17.57 0.18
C ALA B 125 8.58 -18.44 0.72
N GLU B 126 9.71 -17.81 0.99
CA GLU B 126 10.91 -18.51 1.41
C GLU B 126 10.97 -18.61 2.93
N LEU B 127 11.86 -19.47 3.44
CA LEU B 127 12.17 -19.54 4.88
C LEU B 127 10.91 -19.71 5.72
N GLU B 128 10.51 -18.70 6.50
CA GLU B 128 9.29 -18.80 7.34
C GLU B 128 8.03 -18.91 6.49
N GLY B 129 8.14 -18.50 5.23
CA GLY B 129 7.01 -18.53 4.31
C GLY B 129 6.69 -19.94 3.86
N GLY B 130 7.61 -20.88 4.11
CA GLY B 130 7.34 -22.31 3.90
C GLY B 130 6.17 -22.88 4.69
N PRO B 131 6.28 -22.96 6.03
CA PRO B 131 5.16 -23.36 6.89
C PRO B 131 3.97 -22.37 6.90
N ARG B 132 4.23 -21.09 6.65
CA ARG B 132 3.20 -20.06 6.74
C ARG B 132 3.23 -19.13 5.52
N PRO B 133 2.68 -19.60 4.38
CA PRO B 133 2.75 -18.87 3.10
C PRO B 133 2.01 -17.52 3.03
N THR B 134 1.06 -17.30 3.94
CA THR B 134 0.31 -16.05 3.98
C THR B 134 0.66 -15.18 5.17
N HIS B 135 1.58 -15.64 6.01
CA HIS B 135 1.90 -14.94 7.25
C HIS B 135 2.36 -13.49 6.94
N PHE B 136 3.29 -13.36 6.01
CA PHE B 136 3.89 -12.06 5.81
C PHE B 136 2.95 -11.04 5.15
N ALA B 137 2.04 -11.50 4.30
CA ALA B 137 0.98 -10.63 3.75
C ALA B 137 0.20 -10.01 4.90
N GLY B 138 -0.13 -10.79 5.93
CA GLY B 138 -0.81 -10.27 7.11
C GLY B 138 -0.03 -9.20 7.85
N VAL B 139 1.24 -9.48 8.11
CA VAL B 139 2.10 -8.57 8.80
C VAL B 139 2.25 -7.26 7.99
N LEU B 140 2.53 -7.35 6.69
CA LEU B 140 2.82 -6.17 5.88
C LEU B 140 1.58 -5.29 5.77
N THR B 141 0.43 -5.95 5.68
CA THR B 141 -0.87 -5.25 5.64
C THR B 141 -1.10 -4.43 6.91
N VAL B 142 -0.96 -5.04 8.07
CA VAL B 142 -1.21 -4.31 9.32
CA VAL B 142 -1.17 -4.33 9.33
C VAL B 142 -0.13 -3.25 9.54
N VAL B 143 1.14 -3.58 9.28
CA VAL B 143 2.19 -2.57 9.42
C VAL B 143 1.92 -1.35 8.50
N LEU B 144 1.49 -1.59 7.27
CA LEU B 144 1.19 -0.47 6.36
C LEU B 144 0.08 0.43 6.96
N LYS B 145 -0.99 -0.20 7.45
CA LYS B 145 -2.09 0.50 8.06
C LYS B 145 -1.60 1.29 9.27
N LEU B 146 -0.77 0.67 10.10
CA LEU B 146 -0.29 1.36 11.29
C LEU B 146 0.55 2.58 10.92
N LEU B 147 1.39 2.44 9.89
CA LEU B 147 2.19 3.56 9.39
C LEU B 147 1.33 4.69 8.85
N GLN B 148 0.22 4.34 8.22
CA GLN B 148 -0.68 5.36 7.65
C GLN B 148 -1.54 6.07 8.71
N ILE B 149 -1.89 5.33 9.78
CA ILE B 149 -2.67 5.90 10.88
C ILE B 149 -1.80 6.85 11.71
N VAL B 150 -0.60 6.39 12.07
CA VAL B 150 0.29 7.12 12.99
C VAL B 150 1.22 8.13 12.29
N ARG B 151 1.61 7.84 11.04
CA ARG B 151 2.57 8.66 10.28
CA ARG B 151 2.56 8.68 10.27
C ARG B 151 3.82 9.02 11.11
N PRO B 152 4.52 7.99 11.57
CA PRO B 152 5.73 8.22 12.39
C PRO B 152 6.88 8.65 11.50
N ASP B 153 7.85 9.35 12.08
CA ASP B 153 9.08 9.63 11.39
C ASP B 153 9.97 8.39 11.33
N ARG B 154 9.87 7.55 12.37
CA ARG B 154 10.69 6.34 12.49
C ARG B 154 9.80 5.25 13.10
N VAL B 155 10.05 4.05 12.65
CA VAL B 155 9.33 2.86 13.12
C VAL B 155 10.40 1.82 13.55
N PHE B 156 10.16 1.15 14.67
CA PHE B 156 11.19 0.31 15.30
C PHE B 156 10.77 -1.17 15.35
N PHE B 157 11.66 -2.05 14.91
CA PHE B 157 11.40 -3.49 14.96
C PHE B 157 12.65 -4.20 15.47
N GLY B 158 12.46 -5.35 16.16
CA GLY B 158 13.58 -6.17 16.57
C GLY B 158 14.20 -6.85 15.37
N GLU B 159 15.49 -7.18 15.47
CA GLU B 159 16.14 -8.02 14.46
C GLU B 159 15.78 -9.50 14.59
N LYS B 160 15.13 -9.90 15.68
CA LYS B 160 14.82 -11.35 15.84
C LYS B 160 14.07 -11.90 14.64
N ASP B 161 13.03 -11.18 14.23
CA ASP B 161 12.28 -11.62 13.05
C ASP B 161 12.90 -10.90 11.87
N TYR B 162 14.07 -11.38 11.50
CA TYR B 162 14.87 -10.72 10.48
C TYR B 162 14.20 -10.74 9.10
N GLN B 163 13.66 -11.88 8.70
CA GLN B 163 12.98 -11.93 7.42
C GLN B 163 11.80 -10.93 7.37
N GLN B 164 11.06 -10.83 8.47
CA GLN B 164 10.01 -9.85 8.60
C GLN B 164 10.58 -8.45 8.40
N LEU B 165 11.68 -8.14 9.08
CA LEU B 165 12.32 -6.82 8.99
C LEU B 165 12.68 -6.50 7.53
N VAL B 166 13.30 -7.45 6.85
CA VAL B 166 13.67 -7.27 5.42
C VAL B 166 12.44 -7.01 4.55
N LEU B 167 11.38 -7.77 4.80
CA LEU B 167 10.14 -7.55 4.05
C LEU B 167 9.55 -6.15 4.27
N ILE B 168 9.60 -5.66 5.52
N ILE B 168 9.62 -5.65 5.50
CA ILE B 168 9.19 -4.28 5.84
CA ILE B 168 9.14 -4.27 5.79
C ILE B 168 10.01 -3.24 5.08
C ILE B 168 10.01 -3.19 5.10
N ARG B 169 11.32 -3.41 5.06
CA ARG B 169 12.16 -2.52 4.26
CA ARG B 169 12.19 -2.53 4.26
C ARG B 169 11.77 -2.56 2.78
N GLN B 170 11.39 -3.74 2.28
CA GLN B 170 10.90 -3.86 0.90
C GLN B 170 9.57 -3.11 0.74
N LEU B 171 8.65 -3.33 1.66
CA LEU B 171 7.39 -2.53 1.70
C LEU B 171 7.66 -1.04 1.59
N VAL B 172 8.55 -0.50 2.43
CA VAL B 172 8.84 0.92 2.51
C VAL B 172 9.44 1.41 1.18
N ALA B 173 10.40 0.67 0.67
CA ALA B 173 11.03 1.01 -0.60
C ALA B 173 10.02 0.97 -1.77
N ASP B 174 9.27 -0.13 -1.88
CA ASP B 174 8.38 -0.44 -2.99
C ASP B 174 7.18 0.50 -3.09
N PHE B 175 6.70 0.95 -1.95
CA PHE B 175 5.51 1.83 -1.92
C PHE B 175 5.89 3.28 -1.65
N ASN B 176 7.21 3.58 -1.68
CA ASN B 176 7.70 4.94 -1.50
C ASN B 176 7.25 5.57 -0.16
N LEU B 177 7.23 4.76 0.91
CA LEU B 177 6.89 5.31 2.22
C LEU B 177 7.95 6.25 2.80
N ASP B 178 7.48 7.35 3.37
N ASP B 178 7.60 7.35 3.44
CA ASP B 178 8.35 8.32 4.04
CA ASP B 178 8.67 8.28 3.90
C ASP B 178 8.42 8.04 5.54
C ASP B 178 9.41 7.94 5.21
N VAL B 179 8.97 6.88 5.86
CA VAL B 179 9.37 6.55 7.22
C VAL B 179 10.75 5.91 7.21
N ALA B 180 11.47 6.12 8.30
CA ALA B 180 12.76 5.44 8.53
C ALA B 180 12.52 4.14 9.31
N VAL B 181 12.98 3.01 8.77
CA VAL B 181 12.85 1.71 9.44
C VAL B 181 14.11 1.46 10.28
N VAL B 182 13.92 1.27 11.58
CA VAL B 182 15.05 1.05 12.52
C VAL B 182 15.00 -0.38 13.05
N GLY B 183 16.06 -1.14 12.77
CA GLY B 183 16.23 -2.48 13.34
C GLY B 183 17.04 -2.40 14.64
N VAL B 184 16.50 -3.01 15.69
CA VAL B 184 17.12 -2.95 17.01
C VAL B 184 17.66 -4.36 17.33
N PRO B 185 18.93 -4.44 17.75
CA PRO B 185 19.51 -5.77 18.03
C PRO B 185 18.67 -6.60 19.00
N THR B 186 18.60 -7.89 18.73
CA THR B 186 17.79 -8.83 19.50
C THR B 186 18.25 -8.89 20.98
N VAL B 187 17.32 -8.63 21.89
CA VAL B 187 17.58 -8.83 23.31
C VAL B 187 17.64 -10.36 23.56
N ARG B 188 18.60 -10.77 24.39
CA ARG B 188 18.83 -12.20 24.64
C ARG B 188 18.87 -12.53 26.13
N GLU B 189 18.48 -13.75 26.49
CA GLU B 189 18.70 -14.23 27.85
C GLU B 189 20.19 -14.40 28.14
N ALA B 190 20.53 -14.63 29.40
CA ALA B 190 21.93 -14.62 29.84
C ALA B 190 22.81 -15.63 29.08
N ASP B 191 22.20 -16.75 28.67
CA ASP B 191 22.94 -17.78 27.93
C ASP B 191 22.93 -17.59 26.41
N GLY B 192 22.29 -16.51 25.95
CA GLY B 192 22.21 -16.20 24.52
C GLY B 192 20.88 -16.49 23.82
N LEU B 193 19.96 -17.21 24.47
CA LEU B 193 18.67 -17.55 23.83
C LEU B 193 17.90 -16.27 23.47
N ALA B 194 17.53 -16.13 22.21
CA ALA B 194 16.82 -14.93 21.75
C ALA B 194 15.48 -14.80 22.50
N MET B 195 15.17 -13.60 22.95
N MET B 195 15.18 -13.59 22.94
CA MET B 195 13.92 -13.40 23.67
CA MET B 195 13.92 -13.31 23.62
C MET B 195 12.71 -13.63 22.77
C MET B 195 12.73 -13.67 22.73
N SER B 196 11.70 -14.27 23.33
CA SER B 196 10.49 -14.68 22.59
C SER B 196 9.39 -15.08 23.56
N SER B 197 8.16 -14.73 23.23
CA SER B 197 6.98 -15.15 24.00
C SER B 197 6.93 -16.68 24.13
N ARG B 198 7.47 -17.39 23.15
CA ARG B 198 7.44 -18.86 23.15
C ARG B 198 8.40 -19.54 24.14
N ASN B 199 9.39 -18.81 24.66
CA ASN B 199 10.41 -19.43 25.51
C ASN B 199 9.84 -20.07 26.78
N ARG B 200 8.81 -19.45 27.34
CA ARG B 200 8.23 -19.95 28.61
C ARG B 200 7.55 -21.32 28.49
N TYR B 201 7.19 -21.71 27.27
CA TYR B 201 6.59 -23.04 27.00
C TYR B 201 7.58 -24.19 27.04
N LEU B 202 8.86 -23.89 26.88
CA LEU B 202 9.90 -24.91 26.88
C LEU B 202 10.02 -25.56 28.26
N ASP B 203 9.96 -26.89 28.31
CA ASP B 203 10.32 -27.58 29.54
C ASP B 203 11.84 -27.52 29.77
N PRO B 204 12.32 -27.95 30.95
CA PRO B 204 13.73 -27.72 31.26
C PRO B 204 14.74 -28.36 30.25
N ALA B 205 14.43 -29.56 29.76
CA ALA B 205 15.29 -30.23 28.80
C ALA B 205 15.29 -29.44 27.49
N GLN B 206 14.11 -28.97 27.08
CA GLN B 206 13.99 -28.19 25.83
C GLN B 206 14.66 -26.84 26.00
N ARG B 207 14.49 -26.21 27.17
CA ARG B 207 15.12 -24.91 27.43
C ARG B 207 16.63 -25.00 27.38
N ALA B 208 17.18 -26.08 27.94
CA ALA B 208 18.63 -26.32 27.88
C ALA B 208 19.05 -26.59 26.44
N ALA B 209 18.27 -27.41 25.72
CA ALA B 209 18.63 -27.69 24.28
C ALA B 209 18.55 -26.44 23.42
N ALA B 210 17.61 -25.54 23.74
CA ALA B 210 17.37 -24.33 22.91
C ALA B 210 18.57 -23.38 22.79
N VAL B 211 19.47 -23.40 23.75
N VAL B 211 19.47 -23.44 23.77
CA VAL B 211 20.67 -22.57 23.67
CA VAL B 211 20.73 -22.67 23.76
C VAL B 211 21.50 -22.93 22.42
C VAL B 211 21.55 -22.97 22.47
N ALA B 212 21.33 -24.15 21.88
CA ALA B 212 22.09 -24.56 20.66
C ALA B 212 21.87 -23.61 19.48
N LEU B 213 20.69 -22.96 19.40
CA LEU B 213 20.47 -22.04 18.27
C LEU B 213 21.45 -20.87 18.29
N SER B 214 21.50 -20.16 19.41
CA SER B 214 22.39 -18.99 19.52
C SER B 214 23.85 -19.41 19.53
N ALA B 215 24.13 -20.50 20.24
CA ALA B 215 25.49 -21.04 20.33
C ALA B 215 26.00 -21.39 18.91
N ALA B 216 25.13 -22.02 18.10
CA ALA B 216 25.49 -22.36 16.73
C ALA B 216 25.79 -21.12 15.92
N LEU B 217 24.97 -20.07 16.09
CA LEU B 217 25.11 -18.90 15.21
C LEU B 217 26.37 -18.13 15.58
N THR B 218 26.62 -17.95 16.86
CA THR B 218 27.82 -17.26 17.35
CA THR B 218 27.82 -17.24 17.35
C THR B 218 29.09 -18.04 16.99
N ALA B 219 29.02 -19.37 17.11
CA ALA B 219 30.16 -20.21 16.67
C ALA B 219 30.42 -19.94 15.17
N ALA B 220 29.35 -19.96 14.36
CA ALA B 220 29.45 -19.63 12.91
C ALA B 220 30.07 -18.28 12.64
N ALA B 221 29.60 -17.26 13.37
CA ALA B 221 30.11 -15.90 13.19
C ALA B 221 31.63 -15.84 13.38
N HIS B 222 32.14 -16.64 14.32
CA HIS B 222 33.57 -16.66 14.62
C HIS B 222 34.38 -17.59 13.74
N ALA B 223 33.76 -18.69 13.31
CA ALA B 223 34.34 -19.62 12.35
C ALA B 223 34.54 -18.96 10.99
N ALA B 224 33.83 -17.84 10.75
CA ALA B 224 33.69 -17.26 9.38
C ALA B 224 34.98 -16.74 8.79
N THR B 225 35.97 -16.50 9.64
CA THR B 225 37.34 -16.16 9.16
C THR B 225 37.90 -17.27 8.27
N ALA B 226 37.42 -18.50 8.49
CA ALA B 226 37.85 -19.67 7.73
C ALA B 226 36.95 -19.92 6.51
N GLY B 227 36.00 -19.02 6.26
CA GLY B 227 35.13 -19.13 5.09
C GLY B 227 33.69 -19.55 5.39
N ALA B 228 32.87 -19.41 4.36
CA ALA B 228 31.43 -19.69 4.45
C ALA B 228 31.14 -21.13 4.83
N GLN B 229 31.84 -22.08 4.20
CA GLN B 229 31.59 -23.48 4.48
C GLN B 229 31.93 -23.82 5.95
N ALA B 230 33.07 -23.31 6.44
CA ALA B 230 33.46 -23.52 7.84
C ALA B 230 32.41 -22.95 8.77
N ALA B 231 31.85 -21.80 8.41
CA ALA B 231 30.81 -21.16 9.23
C ALA B 231 29.58 -22.05 9.36
N LEU B 232 29.07 -22.50 8.22
CA LEU B 232 27.88 -23.35 8.16
C LEU B 232 28.13 -24.70 8.85
N ASP B 233 29.34 -25.25 8.64
CA ASP B 233 29.69 -26.55 9.24
C ASP B 233 29.77 -26.44 10.75
N ALA B 234 30.37 -25.36 11.24
CA ALA B 234 30.41 -25.07 12.69
C ALA B 234 28.98 -24.98 13.29
N ALA B 235 28.09 -24.21 12.65
CA ALA B 235 26.70 -24.09 13.13
C ALA B 235 26.03 -25.45 13.15
N ARG B 236 26.18 -26.19 12.06
CA ARG B 236 25.53 -27.50 11.95
C ARG B 236 26.02 -28.43 13.06
N ALA B 237 27.31 -28.39 13.34
CA ALA B 237 27.90 -29.26 14.38
C ALA B 237 27.27 -28.99 15.75
N VAL B 238 27.15 -27.70 16.09
CA VAL B 238 26.55 -27.28 17.34
C VAL B 238 25.06 -27.75 17.44
N LEU B 239 24.27 -27.50 16.39
CA LEU B 239 22.90 -28.02 16.36
C LEU B 239 22.85 -29.55 16.47
N ASP B 240 23.77 -30.24 15.80
CA ASP B 240 23.90 -31.71 15.86
C ASP B 240 24.23 -32.23 17.28
N ALA B 241 24.79 -31.38 18.12
CA ALA B 241 25.08 -31.75 19.51
C ALA B 241 23.86 -31.69 20.45
N ALA B 242 22.72 -31.16 19.96
CA ALA B 242 21.56 -30.95 20.81
C ALA B 242 20.50 -32.03 20.57
N PRO B 243 19.93 -32.59 21.66
CA PRO B 243 18.82 -33.53 21.46
C PRO B 243 17.48 -32.80 21.28
N GLY B 244 16.57 -33.42 20.53
CA GLY B 244 15.21 -32.89 20.30
C GLY B 244 15.14 -31.50 19.68
N VAL B 245 16.12 -31.20 18.83
CA VAL B 245 16.11 -29.93 18.09
C VAL B 245 15.97 -30.26 16.59
N ALA B 246 14.75 -30.09 16.07
CA ALA B 246 14.45 -30.48 14.69
C ALA B 246 14.66 -29.27 13.80
N VAL B 247 15.81 -29.22 13.12
CA VAL B 247 16.16 -28.04 12.32
C VAL B 247 15.35 -27.97 11.00
N ASP B 248 14.63 -26.87 10.83
CA ASP B 248 13.81 -26.72 9.63
C ASP B 248 14.66 -26.11 8.52
N TYR B 249 15.46 -25.12 8.87
CA TYR B 249 16.49 -24.58 7.97
C TYR B 249 17.66 -23.94 8.71
N LEU B 250 18.78 -23.89 7.99
CA LEU B 250 19.99 -23.20 8.41
C LEU B 250 20.58 -22.62 7.12
N GLU B 251 20.41 -21.31 6.94
CA GLU B 251 20.78 -20.66 5.68
CA GLU B 251 20.72 -20.63 5.68
C GLU B 251 21.58 -19.38 5.84
N LEU B 252 22.62 -19.30 5.03
CA LEU B 252 23.48 -18.13 4.94
C LEU B 252 23.06 -17.37 3.69
N ARG B 253 22.64 -16.12 3.87
CA ARG B 253 22.16 -15.29 2.78
C ARG B 253 22.88 -13.95 2.82
N ASP B 254 22.73 -13.13 1.78
CA ASP B 254 23.22 -11.75 1.93
C ASP B 254 22.30 -10.98 2.87
N ILE B 255 22.67 -9.76 3.22
CA ILE B 255 21.93 -9.04 4.26
C ILE B 255 20.47 -8.73 3.88
N GLY B 256 20.19 -8.67 2.58
CA GLY B 256 18.81 -8.47 2.10
C GLY B 256 18.11 -9.79 1.80
N LEU B 257 18.74 -10.89 2.18
CA LEU B 257 18.22 -12.27 2.03
C LEU B 257 18.20 -12.88 0.60
N GLY B 258 18.89 -12.21 -0.32
CA GLY B 258 19.26 -12.85 -1.58
C GLY B 258 20.40 -13.83 -1.34
N PRO B 259 20.98 -14.37 -2.43
CA PRO B 259 22.11 -15.31 -2.34
C PRO B 259 23.33 -14.67 -1.71
N MET B 260 24.01 -15.44 -0.87
CA MET B 260 25.24 -14.97 -0.25
C MET B 260 26.32 -14.72 -1.30
N PRO B 261 26.92 -13.51 -1.30
CA PRO B 261 28.06 -13.24 -2.17
C PRO B 261 29.32 -13.96 -1.65
N LEU B 262 30.25 -14.27 -2.56
CA LEU B 262 31.50 -14.97 -2.26
C LEU B 262 32.30 -14.39 -1.06
N ASN B 263 32.30 -13.07 -0.96
CA ASN B 263 32.79 -12.41 0.23
C ASN B 263 31.85 -11.28 0.63
N GLY B 264 32.02 -10.76 1.83
CA GLY B 264 31.19 -9.64 2.28
C GLY B 264 30.25 -10.02 3.41
N SER B 265 29.28 -9.14 3.65
CA SER B 265 28.39 -9.27 4.77
C SER B 265 27.23 -10.17 4.40
N GLY B 266 26.75 -10.88 5.40
CA GLY B 266 25.64 -11.76 5.25
C GLY B 266 24.88 -11.87 6.55
N ARG B 267 23.91 -12.76 6.53
CA ARG B 267 23.11 -13.08 7.71
C ARG B 267 22.94 -14.57 7.69
N LEU B 268 23.12 -15.21 8.85
CA LEU B 268 22.87 -16.64 9.00
C LEU B 268 21.57 -16.80 9.78
N LEU B 269 20.60 -17.51 9.20
CA LEU B 269 19.31 -17.72 9.85
C LEU B 269 19.04 -19.19 10.16
N VAL B 270 18.45 -19.45 11.31
CA VAL B 270 18.08 -20.83 11.71
C VAL B 270 16.63 -20.83 12.25
N ALA B 271 15.92 -21.93 12.02
CA ALA B 271 14.65 -22.20 12.70
C ALA B 271 14.60 -23.67 13.03
N ALA B 272 14.01 -23.98 14.20
CA ALA B 272 13.92 -25.35 14.64
C ALA B 272 12.72 -25.50 15.53
N ARG B 273 12.19 -26.72 15.56
CA ARG B 273 11.10 -27.09 16.43
C ARG B 273 11.61 -27.89 17.60
N LEU B 274 11.23 -27.49 18.80
CA LEU B 274 11.51 -28.25 20.02
C LEU B 274 10.18 -28.66 20.62
N GLY B 275 9.83 -29.93 20.48
CA GLY B 275 8.47 -30.39 20.85
C GLY B 275 7.51 -29.69 19.90
N THR B 276 6.61 -28.88 20.43
CA THR B 276 5.65 -28.14 19.59
C THR B 276 6.00 -26.66 19.44
N THR B 277 7.16 -26.28 19.95
CA THR B 277 7.54 -24.86 19.95
C THR B 277 8.55 -24.61 18.83
N ARG B 278 8.24 -23.68 17.95
CA ARG B 278 9.16 -23.28 16.90
C ARG B 278 9.98 -22.07 17.37
N LEU B 279 11.30 -22.20 17.26
CA LEU B 279 12.21 -21.12 17.66
C LEU B 279 12.98 -20.64 16.44
N LEU B 280 13.35 -19.37 16.44
CA LEU B 280 14.14 -18.77 15.34
C LEU B 280 15.28 -17.98 15.94
N ASP B 281 16.37 -17.87 15.21
CA ASP B 281 17.44 -16.95 15.55
C ASP B 281 18.15 -16.56 14.27
N ASN B 282 18.92 -15.49 14.33
CA ASN B 282 19.73 -15.12 13.18
C ASN B 282 20.90 -14.27 13.66
N ILE B 283 21.95 -14.13 12.85
CA ILE B 283 23.14 -13.35 13.25
C ILE B 283 23.84 -12.76 12.02
N ALA B 284 24.45 -11.59 12.21
CA ALA B 284 25.40 -11.00 11.26
C ALA B 284 26.58 -11.94 11.05
N ILE B 285 26.97 -12.12 9.79
CA ILE B 285 28.13 -12.93 9.41
C ILE B 285 28.98 -12.11 8.43
N GLU B 286 30.30 -12.10 8.62
CA GLU B 286 31.20 -11.44 7.66
C GLU B 286 32.16 -12.47 7.09
N ILE B 287 32.16 -12.58 5.76
CA ILE B 287 33.05 -13.48 5.00
C ILE B 287 34.03 -12.63 4.16
N GLY B 288 35.31 -12.66 4.53
CA GLY B 288 36.31 -11.71 3.99
C GLY B 288 36.80 -12.03 2.59
C FG3 C . -10.35 8.16 -20.84
N FG3 C . -10.87 9.65 -18.72
O FG3 C . -9.47 8.95 -21.24
CA FG3 C . -11.23 8.53 -19.68
CAA FG3 C . -13.99 14.36 -16.01
CAB FG3 C . -7.47 2.62 -17.65
OAD FG3 C . -8.49 8.10 -18.62
OAE FG3 C . -6.17 8.50 -15.08
OAF FG3 C . -5.45 8.97 -17.48
CAH FG3 C . -6.28 4.70 -18.16
CAI FG3 C . -6.04 6.05 -17.90
CAJ FG3 C . -13.69 12.01 -18.67
CAK FG3 C . -12.94 10.90 -19.07
CAL FG3 C . -7.97 4.65 -16.41
CAM FG3 C . -11.92 12.58 -17.15
CAN FG3 C . -10.03 10.96 -17.20
NAP FG3 C . -7.74 6.02 -16.18
NAQ FG3 C . -7.92 9.29 -16.79
OAR FG3 C . -13.99 13.95 -17.38
CAT FG3 C . -8.72 9.02 -17.82
CAU FG3 C . -7.23 3.99 -17.41
CAV FG3 C . -13.21 12.86 -17.70
CAW FG3 C . -6.80 6.69 -16.90
CAX FG3 C . -9.83 9.82 -17.91
CAY FG3 C . -11.24 11.47 -17.56
CAZ FG3 C . -11.75 10.64 -18.50
SBB FG3 C . -6.53 8.41 -16.56
OXT FG3 C . -10.64 7.05 -21.35
C FG3 D . 1.07 -15.04 -12.07
N FG3 D . -1.21 -13.86 -11.81
O FG3 D . 0.66 -15.82 -11.17
CA FG3 D . 0.13 -13.90 -12.57
CAA FG3 D . -7.20 -15.64 -12.31
CAB FG3 D . 0.38 -5.98 -10.81
OAD FG3 D . -1.07 -12.26 -8.65
OAE FG3 D . 3.10 -11.89 -10.05
OAF FG3 D . 1.71 -12.00 -7.93
CAH FG3 D . 1.22 -8.14 -11.42
CAI FG3 D . 1.52 -9.45 -11.06
CAJ FG3 D . -3.81 -15.53 -13.84
CAK FG3 D . -2.56 -15.03 -13.50
CAL FG3 D . 0.42 -7.78 -9.19
CAM FG3 D . -4.57 -14.68 -11.71
CAN FG3 D . -2.84 -13.56 -10.37
NAP FG3 D . 0.72 -9.11 -8.84
NAQ FG3 D . 0.55 -12.50 -10.26
OAR FG3 D . -6.10 -15.82 -13.26
CAT FG3 D . -0.70 -12.69 -9.75
CAU FG3 D . 0.68 -7.30 -10.47
CAV FG3 D . -4.85 -15.35 -12.92
CAW FG3 D . 1.28 -9.92 -9.76
CAX FG3 D . -1.53 -13.35 -10.60
CAY FG3 D . -3.33 -14.22 -11.44
CAZ FG3 D . -2.32 -14.40 -12.33
SBB FG3 D . 1.71 -11.65 -9.43
OXT FG3 D . 2.19 -15.10 -12.60
C1 GOL E . -34.23 -2.89 -5.73
O1 GOL E . -34.12 -3.45 -4.45
C2 GOL E . -35.02 -1.60 -5.67
O2 GOL E . -34.52 -0.72 -6.65
C3 GOL E . -36.52 -1.83 -5.85
O3 GOL E . -37.18 -0.66 -6.26
C1 GOL F . -11.15 13.90 -27.60
O1 GOL F . -11.48 15.11 -26.96
C2 GOL F . -11.59 12.71 -26.75
O2 GOL F . -11.35 13.01 -25.39
C3 GOL F . -13.07 12.43 -26.88
O3 GOL F . -13.50 12.24 -28.22
C1 GOL G . 10.15 7.92 -2.13
O1 GOL G . 10.84 7.79 -3.37
C2 GOL G . 9.34 9.21 -2.15
O2 GOL G . 10.03 10.17 -2.91
C3 GOL G . 9.15 9.73 -0.72
O3 GOL G . 7.94 9.28 -0.19
C1 EDO H . 6.65 -1.49 -6.60
O1 EDO H . 7.66 -0.50 -6.89
C2 EDO H . 7.33 -2.84 -6.54
O2 EDO H . 6.38 -3.86 -6.79
C1 EDO I . -8.72 -2.38 -18.73
O1 EDO I . -7.89 -2.38 -19.88
C2 EDO I . -9.32 -0.99 -18.57
O2 EDO I . -10.64 -1.13 -18.05
C1 EDO J . 17.56 -4.10 -8.39
O1 EDO J . 16.62 -4.93 -7.67
C2 EDO J . 18.11 -4.87 -9.58
O2 EDO J . 17.05 -5.60 -10.18
C1 EDO K . -2.47 6.32 -12.89
O1 EDO K . -2.06 5.18 -13.62
C2 EDO K . -3.65 6.98 -13.57
O2 EDO K . -4.87 6.30 -13.25
C1 EOH L . -19.63 1.24 -37.38
C2 EOH L . -19.46 0.86 -35.93
O EOH L . -19.42 0.10 -38.20
C1 EOH M . 4.10 -9.45 -6.77
C2 EOH M . 3.52 -9.19 -5.37
O EOH M . 5.26 -10.25 -6.65
C1 EOH N . 15.33 -7.51 -11.69
C2 EOH N . 15.13 -7.34 -13.19
O EOH N . 14.41 -8.37 -11.02
C1 EOH O . -29.66 12.06 -24.50
C2 EOH O . -29.35 13.48 -24.96
O EOH O . -28.76 11.04 -24.94
C1 EOH P . -7.41 6.45 10.30
C2 EOH P . -7.68 7.91 10.61
O EOH P . -7.92 6.11 9.03
C1 EOH Q . 10.06 5.32 -18.61
C2 EOH Q . 9.60 5.23 -20.04
O EOH Q . 11.19 6.13 -18.50
C FG3 R . 8.71 -12.28 20.55
C FG3 R . 9.36 -12.62 19.73
N FG3 R . 10.20 -10.28 19.87
N FG3 R . 10.12 -10.33 19.20
O FG3 R . 8.06 -11.61 21.37
O FG3 R . 8.97 -12.07 20.80
CA FG3 R . 10.06 -11.75 20.08
CA FG3 R . 10.01 -11.73 18.70
CAA FG3 R . 14.78 -5.94 20.61
CAA FG3 R . 14.77 -6.45 20.35
CAB FG3 R . 2.99 -13.83 20.24
CAB FG3 R . 3.86 -11.79 13.67
OAD FG3 R . 7.90 -10.52 18.15
OAD FG3 R . 7.21 -10.35 19.45
OAE FG3 R . 5.74 -8.92 16.95
OAE FG3 R . 5.53 -6.86 17.44
OAF FG3 R . 4.76 -7.71 18.89
OAF FG3 R . 4.97 -8.50 19.25
CAH FG3 R . 4.05 -11.72 20.75
CAH FG3 R . 4.18 -11.39 16.03
CAI FG3 R . 4.68 -10.56 20.34
CAI FG3 R . 4.63 -10.55 17.06
CAJ FG3 R . 13.59 -9.43 21.02
CAJ FG3 R . 13.60 -9.68 20.20
CAK FG3 R . 12.48 -10.23 20.74
CAK FG3 R . 12.50 -10.39 19.72
CAL FG3 R . 3.82 -12.41 18.45
CAL FG3 R . 4.89 -9.75 14.39
CAM FG3 R . 12.34 -7.59 20.14
CAM FG3 R . 12.10 -7.83 20.48
CAN FG3 R . 10.05 -8.16 19.37
CAN FG3 R . 9.80 -8.26 19.82
NAP FG3 R . 4.45 -11.21 18.07
NAP FG3 R . 5.35 -8.95 15.45
NAQ FG3 R . 7.17 -8.65 19.13
NAQ FG3 R . 7.40 -8.37 18.34
OAR FG3 R . 14.65 -7.32 20.99
OAR FG3 R . 14.45 -7.65 21.07
CAT FG3 R . 8.13 -9.55 18.86
CAT FG3 R . 7.90 -9.41 19.04
CAU FG3 R . 3.62 -12.66 19.81
CAU FG3 R . 4.31 -10.98 14.70
CAV FG3 R . 13.54 -8.07 20.70
CAV FG3 R . 13.40 -8.36 20.58
CAW FG3 R . 4.87 -10.32 18.98
CAW FG3 R . 5.23 -9.33 16.73
CAX FG3 R . 9.38 -9.33 19.36
CAX FG3 R . 9.21 -9.35 19.32
CAY FG3 R . 11.28 -8.39 19.90
CAY FG3 R . 11.09 -8.55 20.01
CAZ FG3 R . 11.36 -9.71 20.19
CAZ FG3 R . 11.29 -9.83 19.63
SBB FG3 R . 5.64 -8.87 18.48
SBB FG3 R . 5.79 -8.26 17.98
OXT FG3 R . 8.37 -13.39 20.08
OXT FG3 R . 9.25 -13.83 19.44
C1 GOL S . 3.05 7.39 6.72
O1 GOL S . 2.01 7.95 5.95
C2 GOL S . 3.76 6.22 6.04
O2 GOL S . 5.14 6.23 6.37
C3 GOL S . 3.66 6.31 4.53
O3 GOL S . 4.46 7.36 4.03
C1 GOL T . 6.87 -27.94 23.25
O1 GOL T . 5.79 -28.82 23.08
C2 GOL T . 6.78 -27.20 24.57
O2 GOL T . 8.00 -26.52 24.75
C3 GOL T . 6.57 -28.20 25.71
O3 GOL T . 6.08 -27.56 26.87
C1 GOL U . 3.47 -5.76 15.37
O1 GOL U . 4.66 -6.42 14.95
C2 GOL U . 2.45 -5.73 14.24
O2 GOL U . 2.97 -6.49 13.17
C3 GOL U . 1.12 -6.30 14.71
O3 GOL U . 0.15 -5.29 14.92
C1 GOL V . -14.62 1.68 1.48
O1 GOL V . -15.11 1.56 2.78
C2 GOL V . -15.37 2.74 0.69
O2 GOL V . -15.54 2.26 -0.60
C3 GOL V . -14.47 3.97 0.59
O3 GOL V . -15.11 5.04 1.23
C1 EDO W . -0.42 8.57 33.34
O1 EDO W . 0.95 8.16 33.31
C2 EDO W . -1.29 7.48 32.70
O2 EDO W . -2.54 8.02 32.25
C1 EDO X . -7.72 -3.83 5.40
O1 EDO X . -8.34 -2.75 6.07
C2 EDO X . -8.73 -4.41 4.42
O2 EDO X . -8.10 -5.50 3.76
C1 EDO Y . 37.41 -13.40 6.86
O1 EDO Y . 37.03 -12.16 7.45
C2 EDO Y . 36.12 -14.18 6.60
O2 EDO Y . 36.26 -15.03 5.46
#